data_7WCY
#
_entry.id   7WCY
#
_cell.length_a   60.920
_cell.length_b   84.770
_cell.length_c   95.240
_cell.angle_alpha   90.000
_cell.angle_beta   90.000
_cell.angle_gamma   90.000
#
_symmetry.space_group_name_H-M   'P 1 21 1'
#
loop_
_entity.id
_entity.type
_entity.pdbx_description
1 polymer 'H-2 class I histocompatibility antigen, K-B alpha chain'
2 polymer Beta-2-microglobulin
3 polymer SER-VAL-PHE-ALA-ILE-PHE-ALA-ALA-LEU
4 non-polymer 'NICKEL (II) ION'
5 water water
#
loop_
_entity_poly.entity_id
_entity_poly.type
_entity_poly.pdbx_seq_one_letter_code
_entity_poly.pdbx_strand_id
1 'polypeptide(L)'
;GPHSLRYFVTAVSRPGLGEPRYMEVGYVDDTEFVRFDSDAENPRYEPRARWMEQEGPEYWERETQKAKGNEQSFRVDLRT
LLGYYNQSKGGSHTIQVISGCEVGSDGRLLRGYQQYAYDGCDYIALNEDLKTWTAADMAALITKHKWEQAGEAERLRAYL
EGTCVEWLRRYLKNGNATLLRTDSPKAHVTHHSRPEDKVTLRCWALGFYPADITLTWQLNGEELIQDMELVETRPAGDGT
FQKWASVVVPLGKEQYYTCHVYHQGLPEPLTLRWE
;
A,D
2 'polypeptide(L)'
;IQKTPQIQVYSRHPPENGKPNILNCYVTQFHPPHIEIQMLKNGKKIPKVEMSDMSFSKDWSFYILAHTEFTPTETDTYAC
RVKHASMAEPKTVYWDRDM
;
B,E
3 'polypeptide(L)' SVFAIFAAL C,F
#
loop_
_chem_comp.id
_chem_comp.type
_chem_comp.name
_chem_comp.formula
NI non-polymer 'NICKEL (II) ION' 'Ni 2'
#
# COMPACT_ATOMS: atom_id res chain seq x y z
N GLY A 1 0.91 -37.50 13.00
CA GLY A 1 1.69 -36.26 13.18
C GLY A 1 0.78 -35.09 13.55
N PRO A 2 1.28 -33.83 13.47
CA PRO A 2 0.45 -32.63 13.57
C PRO A 2 0.03 -32.02 12.22
N HIS A 3 -1.28 -31.99 11.91
CA HIS A 3 -1.82 -31.77 10.54
C HIS A 3 -2.78 -30.56 10.49
N SER A 4 -2.90 -29.95 9.30
CA SER A 4 -3.58 -28.64 9.06
C SER A 4 -4.53 -28.72 7.87
N LEU A 5 -5.65 -27.98 7.94
CA LEU A 5 -6.55 -27.69 6.79
C LEU A 5 -6.60 -26.17 6.61
N ARG A 6 -6.07 -25.67 5.50
CA ARG A 6 -5.93 -24.21 5.20
C ARG A 6 -6.50 -23.87 3.81
N TYR A 7 -7.36 -22.86 3.75
CA TYR A 7 -7.85 -22.25 2.49
C TYR A 7 -7.19 -20.88 2.31
N PHE A 8 -6.65 -20.66 1.12
CA PHE A 8 -5.95 -19.41 0.70
C PHE A 8 -6.83 -18.72 -0.33
N VAL A 9 -7.45 -17.60 0.04
CA VAL A 9 -8.46 -16.93 -0.82
C VAL A 9 -7.91 -15.59 -1.31
N THR A 10 -8.22 -15.25 -2.56
CA THR A 10 -7.78 -14.03 -3.26
C THR A 10 -8.97 -13.44 -4.00
N ALA A 11 -9.20 -12.13 -3.88
CA ALA A 11 -10.00 -11.33 -4.85
C ALA A 11 -9.16 -10.14 -5.32
N VAL A 12 -9.05 -9.96 -6.64
CA VAL A 12 -8.24 -8.89 -7.31
C VAL A 12 -9.19 -8.13 -8.23
N SER A 13 -9.39 -6.84 -8.00
CA SER A 13 -10.24 -5.99 -8.88
C SER A 13 -9.49 -5.72 -10.17
N ARG A 14 -10.24 -5.53 -11.25
CA ARG A 14 -9.71 -5.21 -12.60
C ARG A 14 -10.66 -4.26 -13.29
N PRO A 15 -10.91 -3.07 -12.71
CA PRO A 15 -12.02 -2.24 -13.17
C PRO A 15 -11.75 -1.73 -14.58
N GLY A 16 -12.80 -1.67 -15.40
CA GLY A 16 -12.72 -1.31 -16.82
C GLY A 16 -12.32 -2.49 -17.70
N LEU A 17 -11.78 -3.56 -17.11
CA LEU A 17 -11.34 -4.81 -17.82
C LEU A 17 -12.43 -5.89 -17.71
N GLY A 18 -12.98 -6.07 -16.51
CA GLY A 18 -14.07 -7.04 -16.24
C GLY A 18 -14.52 -6.96 -14.80
N GLU A 19 -14.97 -8.09 -14.25
CA GLU A 19 -15.27 -8.23 -12.80
C GLU A 19 -14.04 -8.82 -12.12
N PRO A 20 -13.93 -8.72 -10.78
CA PRO A 20 -12.77 -9.21 -10.06
C PRO A 20 -12.48 -10.68 -10.36
N ARG A 21 -11.23 -11.06 -10.27
CA ARG A 21 -10.78 -12.46 -10.27
C ARG A 21 -10.89 -12.98 -8.84
N TYR A 22 -11.60 -14.08 -8.63
CA TYR A 22 -11.78 -14.72 -7.30
C TYR A 22 -11.19 -16.12 -7.34
N MET A 23 -10.42 -16.49 -6.31
CA MET A 23 -9.75 -17.81 -6.19
C MET A 23 -9.89 -18.36 -4.78
N GLU A 24 -10.14 -19.67 -4.66
CA GLU A 24 -9.95 -20.44 -3.41
C GLU A 24 -9.05 -21.63 -3.76
N VAL A 25 -7.94 -21.74 -3.05
CA VAL A 25 -7.04 -22.93 -3.10
C VAL A 25 -7.01 -23.54 -1.69
N GLY A 26 -7.31 -24.83 -1.57
CA GLY A 26 -7.26 -25.56 -0.28
C GLY A 26 -5.98 -26.36 -0.17
N TYR A 27 -5.38 -26.39 1.02
CA TYR A 27 -4.17 -27.21 1.34
C TYR A 27 -4.48 -28.11 2.54
N VAL A 28 -3.89 -29.32 2.53
CA VAL A 28 -3.79 -30.25 3.68
C VAL A 28 -2.32 -30.49 3.95
N ASP A 29 -1.83 -30.25 5.18
CA ASP A 29 -0.38 -30.34 5.46
C ASP A 29 0.36 -29.65 4.31
N ASP A 30 -0.01 -28.38 4.07
CA ASP A 30 0.66 -27.51 3.07
C ASP A 30 0.83 -28.27 1.75
N THR A 31 -0.16 -29.08 1.34
CA THR A 31 -0.24 -29.69 -0.03
C THR A 31 -1.60 -29.36 -0.66
N GLU A 32 -1.61 -28.85 -1.90
CA GLU A 32 -2.82 -28.35 -2.58
C GLU A 32 -3.71 -29.53 -3.00
N PHE A 33 -5.01 -29.48 -2.68
CA PHE A 33 -5.96 -30.59 -2.95
C PHE A 33 -7.17 -30.11 -3.78
N VAL A 34 -7.69 -28.90 -3.50
CA VAL A 34 -8.82 -28.30 -4.27
C VAL A 34 -8.46 -26.87 -4.72
N ARG A 35 -9.10 -26.42 -5.79
CA ARG A 35 -8.90 -25.09 -6.42
C ARG A 35 -10.22 -24.67 -7.07
N PHE A 36 -10.63 -23.42 -6.80
CA PHE A 36 -11.67 -22.67 -7.56
C PHE A 36 -11.00 -21.41 -8.12
N ASP A 37 -11.19 -21.14 -9.40
CA ASP A 37 -10.63 -20.00 -10.16
C ASP A 37 -11.74 -19.45 -11.04
N SER A 38 -12.22 -18.24 -10.75
CA SER A 38 -13.36 -17.60 -11.46
C SER A 38 -12.99 -17.35 -12.93
N ASP A 39 -11.72 -17.49 -13.31
CA ASP A 39 -11.21 -17.20 -14.68
C ASP A 39 -10.98 -18.50 -15.47
N ALA A 40 -11.08 -19.68 -14.85
CA ALA A 40 -11.17 -20.98 -15.52
C ALA A 40 -12.31 -20.93 -16.54
N GLU A 41 -12.28 -21.80 -17.57
CA GLU A 41 -13.23 -21.82 -18.71
C GLU A 41 -14.65 -22.07 -18.18
N ASN A 42 -14.84 -23.11 -17.37
CA ASN A 42 -16.09 -23.33 -16.57
C ASN A 42 -15.69 -23.31 -15.09
N PRO A 43 -15.82 -22.15 -14.41
CA PRO A 43 -15.43 -22.04 -13.00
C PRO A 43 -16.23 -22.95 -12.04
N ARG A 44 -15.56 -23.97 -11.50
CA ARG A 44 -16.11 -24.83 -10.42
C ARG A 44 -14.96 -25.24 -9.51
N TYR A 45 -15.26 -25.68 -8.29
CA TYR A 45 -14.24 -26.35 -7.47
C TYR A 45 -13.79 -27.57 -8.26
N GLU A 46 -12.49 -27.87 -8.23
CA GLU A 46 -11.91 -29.02 -8.96
C GLU A 46 -10.94 -29.75 -8.05
N PRO A 47 -10.82 -31.08 -8.23
CA PRO A 47 -9.83 -31.87 -7.50
C PRO A 47 -8.45 -31.47 -8.05
N ARG A 48 -7.48 -31.32 -7.16
CA ARG A 48 -6.05 -30.98 -7.49
C ARG A 48 -5.12 -32.04 -6.87
N ALA A 49 -5.67 -33.08 -6.25
CA ALA A 49 -5.00 -34.36 -5.96
C ALA A 49 -5.79 -35.52 -6.60
N ARG A 50 -5.26 -36.74 -6.51
CA ARG A 50 -5.87 -38.03 -6.95
C ARG A 50 -7.01 -38.39 -5.99
N TRP A 51 -6.67 -38.52 -4.71
CA TRP A 51 -7.54 -39.03 -3.61
C TRP A 51 -8.81 -38.18 -3.36
N MET A 52 -9.05 -37.10 -4.11
CA MET A 52 -10.27 -36.25 -3.96
C MET A 52 -11.31 -36.60 -5.03
N GLU A 53 -10.92 -37.30 -6.11
CA GLU A 53 -11.87 -37.90 -7.09
C GLU A 53 -12.76 -38.95 -6.42
N GLN A 54 -12.45 -39.30 -5.15
CA GLN A 54 -13.26 -40.17 -4.25
C GLN A 54 -14.57 -39.49 -3.81
N GLU A 55 -14.76 -38.19 -4.07
CA GLU A 55 -15.98 -37.44 -3.64
C GLU A 55 -16.95 -37.36 -4.83
N GLY A 56 -18.25 -37.43 -4.54
CA GLY A 56 -19.31 -37.49 -5.56
C GLY A 56 -19.76 -36.09 -5.99
N PRO A 57 -20.58 -35.97 -7.05
CA PRO A 57 -20.90 -34.68 -7.65
C PRO A 57 -21.55 -33.68 -6.68
N GLU A 58 -22.20 -34.18 -5.61
CA GLU A 58 -22.87 -33.34 -4.57
C GLU A 58 -21.83 -32.55 -3.75
N TYR A 59 -20.65 -33.12 -3.48
CA TYR A 59 -19.52 -32.44 -2.78
C TYR A 59 -19.11 -31.21 -3.60
N TRP A 60 -18.94 -31.40 -4.92
CA TRP A 60 -18.41 -30.40 -5.89
C TRP A 60 -19.46 -29.33 -6.19
N GLU A 61 -20.72 -29.74 -6.33
CA GLU A 61 -21.87 -28.82 -6.57
C GLU A 61 -21.97 -27.91 -5.34
N ARG A 62 -21.75 -28.44 -4.15
CA ARG A 62 -21.95 -27.71 -2.86
C ARG A 62 -20.80 -26.73 -2.59
N GLU A 63 -19.57 -27.12 -2.93
CA GLU A 63 -18.36 -26.29 -2.69
C GLU A 63 -18.33 -25.18 -3.74
N THR A 64 -18.64 -25.49 -5.00
CA THR A 64 -18.90 -24.50 -6.08
C THR A 64 -19.90 -23.43 -5.63
N GLN A 65 -21.08 -23.84 -5.19
CA GLN A 65 -22.15 -22.91 -4.71
C GLN A 65 -21.55 -21.96 -3.67
N LYS A 66 -20.81 -22.49 -2.69
CA LYS A 66 -20.19 -21.70 -1.60
C LYS A 66 -19.17 -20.73 -2.23
N ALA A 67 -18.37 -21.20 -3.16
CA ALA A 67 -17.36 -20.38 -3.85
C ALA A 67 -18.07 -19.28 -4.65
N LYS A 68 -19.21 -19.58 -5.29
CA LYS A 68 -19.95 -18.59 -6.10
C LYS A 68 -20.55 -17.53 -5.18
N GLY A 69 -20.94 -17.91 -3.95
CA GLY A 69 -21.45 -16.98 -2.92
C GLY A 69 -20.35 -16.11 -2.31
N ASN A 70 -19.23 -16.71 -1.92
CA ASN A 70 -18.05 -15.98 -1.38
C ASN A 70 -17.56 -14.99 -2.43
N GLU A 71 -17.57 -15.38 -3.70
CA GLU A 71 -17.17 -14.50 -4.83
C GLU A 71 -17.97 -13.20 -4.78
N GLN A 72 -19.30 -13.28 -4.74
CA GLN A 72 -20.18 -12.09 -4.79
C GLN A 72 -19.85 -11.21 -3.59
N SER A 73 -19.56 -11.83 -2.45
CA SER A 73 -19.31 -11.14 -1.16
C SER A 73 -17.99 -10.38 -1.21
N PHE A 74 -16.93 -10.97 -1.74
CA PHE A 74 -15.59 -10.34 -1.88
C PHE A 74 -15.64 -9.19 -2.89
N ARG A 75 -16.54 -9.22 -3.87
CA ARG A 75 -16.76 -8.03 -4.74
C ARG A 75 -17.22 -6.83 -3.92
N VAL A 76 -18.14 -7.04 -2.98
CA VAL A 76 -18.69 -5.95 -2.12
C VAL A 76 -17.57 -5.49 -1.19
N ASP A 77 -16.79 -6.43 -0.67
CA ASP A 77 -15.70 -6.10 0.28
C ASP A 77 -14.70 -5.17 -0.43
N LEU A 78 -14.32 -5.49 -1.67
CA LEU A 78 -13.39 -4.64 -2.47
C LEU A 78 -13.96 -3.21 -2.57
N ARG A 79 -15.26 -3.02 -2.86
CA ARG A 79 -15.90 -1.67 -2.90
C ARG A 79 -15.93 -1.03 -1.51
N THR A 80 -16.30 -1.79 -0.49
CA THR A 80 -16.32 -1.30 0.92
C THR A 80 -14.94 -0.74 1.29
N LEU A 81 -13.86 -1.45 0.93
CA LEU A 81 -12.47 -1.10 1.38
C LEU A 81 -11.98 0.14 0.63
N LEU A 82 -12.42 0.37 -0.61
CA LEU A 82 -12.16 1.65 -1.35
C LEU A 82 -12.65 2.82 -0.50
N GLY A 83 -13.88 2.71 0.01
CA GLY A 83 -14.53 3.74 0.85
C GLY A 83 -13.73 4.01 2.11
N TYR A 84 -13.36 2.97 2.85
CA TYR A 84 -12.68 3.10 4.16
C TYR A 84 -11.36 3.83 4.00
N TYR A 85 -10.63 3.57 2.91
CA TYR A 85 -9.28 4.13 2.60
C TYR A 85 -9.39 5.35 1.66
N ASN A 86 -10.59 5.65 1.17
CA ASN A 86 -10.85 6.85 0.33
C ASN A 86 -9.97 6.74 -0.92
N GLN A 87 -10.07 5.60 -1.60
CA GLN A 87 -9.31 5.29 -2.83
C GLN A 87 -10.25 5.47 -4.02
N SER A 88 -9.68 5.87 -5.16
CA SER A 88 -10.35 6.03 -6.46
C SER A 88 -10.91 4.70 -6.96
N LYS A 89 -11.89 4.76 -7.85
CA LYS A 89 -12.64 3.61 -8.40
C LYS A 89 -11.85 2.88 -9.51
N GLY A 90 -10.70 3.44 -9.95
CA GLY A 90 -10.05 3.08 -11.22
C GLY A 90 -8.94 2.06 -11.05
N GLY A 91 -8.34 1.96 -9.85
CA GLY A 91 -7.16 1.13 -9.61
C GLY A 91 -7.52 -0.31 -9.27
N SER A 92 -6.55 -1.21 -9.38
CA SER A 92 -6.66 -2.67 -9.09
C SER A 92 -6.29 -2.89 -7.63
N HIS A 93 -7.09 -3.67 -6.90
CA HIS A 93 -6.81 -4.01 -5.47
C HIS A 93 -7.05 -5.48 -5.22
N THR A 94 -6.47 -5.97 -4.13
CA THR A 94 -6.40 -7.38 -3.71
C THR A 94 -6.90 -7.51 -2.26
N ILE A 95 -7.80 -8.46 -2.00
CA ILE A 95 -8.06 -9.01 -0.65
C ILE A 95 -7.54 -10.45 -0.66
N GLN A 96 -6.73 -10.82 0.32
CA GLN A 96 -6.31 -12.21 0.52
C GLN A 96 -6.74 -12.65 1.92
N VAL A 97 -7.02 -13.95 2.10
CA VAL A 97 -7.47 -14.54 3.38
C VAL A 97 -6.79 -15.90 3.53
N ILE A 98 -6.35 -16.20 4.76
CA ILE A 98 -5.91 -17.56 5.16
C ILE A 98 -6.89 -18.05 6.21
N SER A 99 -7.60 -19.13 5.87
CA SER A 99 -8.71 -19.69 6.69
C SER A 99 -8.43 -21.17 6.96
N GLY A 100 -8.28 -21.56 8.22
CA GLY A 100 -7.86 -22.95 8.49
C GLY A 100 -7.84 -23.36 9.96
N CYS A 101 -7.63 -24.66 10.16
CA CYS A 101 -7.55 -25.30 11.50
C CYS A 101 -6.33 -26.22 11.50
N GLU A 102 -5.66 -26.33 12.64
CA GLU A 102 -4.59 -27.35 12.84
C GLU A 102 -4.85 -28.11 14.14
N VAL A 103 -4.85 -29.46 14.04
CA VAL A 103 -5.00 -30.43 15.15
C VAL A 103 -3.70 -31.25 15.25
N GLY A 104 -3.44 -31.81 16.44
CA GLY A 104 -2.30 -32.73 16.68
C GLY A 104 -2.73 -34.18 16.60
N SER A 105 -2.45 -34.95 17.67
CA SER A 105 -2.79 -36.39 17.83
C SER A 105 -4.13 -36.54 18.57
N ASP A 106 -4.35 -35.71 19.60
CA ASP A 106 -5.64 -35.56 20.33
C ASP A 106 -6.80 -35.59 19.32
N GLY A 107 -6.62 -34.95 18.16
CA GLY A 107 -7.66 -34.77 17.12
C GLY A 107 -8.57 -33.61 17.46
N ARG A 108 -8.13 -32.74 18.37
CA ARG A 108 -8.84 -31.52 18.86
C ARG A 108 -8.02 -30.28 18.44
N LEU A 109 -8.67 -29.11 18.42
CA LEU A 109 -8.15 -27.86 17.79
C LEU A 109 -6.98 -27.28 18.60
N LEU A 110 -5.80 -27.18 17.97
CA LEU A 110 -4.62 -26.49 18.53
C LEU A 110 -4.68 -25.00 18.23
N ARG A 111 -4.90 -24.62 16.96
CA ARG A 111 -4.75 -23.24 16.45
C ARG A 111 -5.79 -22.96 15.36
N GLY A 112 -6.52 -21.85 15.50
CA GLY A 112 -7.51 -21.36 14.51
C GLY A 112 -6.91 -20.26 13.66
N TYR A 113 -7.06 -20.37 12.33
CA TYR A 113 -6.57 -19.38 11.33
C TYR A 113 -7.76 -18.64 10.70
N GLN A 114 -7.75 -17.31 10.79
CA GLN A 114 -8.56 -16.41 9.93
C GLN A 114 -7.85 -15.06 9.89
N GLN A 115 -6.99 -14.83 8.89
CA GLN A 115 -6.22 -13.56 8.74
C GLN A 115 -6.41 -13.02 7.33
N TYR A 116 -6.62 -11.71 7.23
CA TYR A 116 -6.93 -10.96 6.00
C TYR A 116 -5.78 -10.01 5.69
N ALA A 117 -5.52 -9.74 4.42
CA ALA A 117 -4.62 -8.65 3.97
C ALA A 117 -5.30 -7.84 2.85
N TYR A 118 -5.05 -6.53 2.81
CA TYR A 118 -5.47 -5.61 1.73
C TYR A 118 -4.23 -5.04 1.02
N ASP A 119 -4.15 -5.23 -0.30
CA ASP A 119 -3.00 -4.86 -1.15
C ASP A 119 -1.69 -5.32 -0.50
N GLY A 120 -1.70 -6.50 0.10
CA GLY A 120 -0.48 -7.18 0.57
C GLY A 120 -0.10 -6.87 1.99
N CYS A 121 -0.86 -6.02 2.70
CA CYS A 121 -0.59 -5.63 4.11
C CYS A 121 -1.64 -6.25 5.05
N ASP A 122 -1.22 -6.70 6.22
CA ASP A 122 -2.09 -7.21 7.31
C ASP A 122 -3.25 -6.25 7.47
N TYR A 123 -4.48 -6.77 7.58
CA TYR A 123 -5.70 -5.95 7.77
C TYR A 123 -6.34 -6.35 9.11
N ILE A 124 -6.72 -7.62 9.27
CA ILE A 124 -7.42 -8.11 10.50
C ILE A 124 -7.15 -9.61 10.63
N ALA A 125 -7.15 -10.11 11.88
CA ALA A 125 -6.89 -11.52 12.22
C ALA A 125 -7.68 -11.87 13.48
N LEU A 126 -8.37 -13.03 13.46
CA LEU A 126 -8.88 -13.72 14.67
C LEU A 126 -7.71 -14.05 15.62
N ASN A 127 -7.83 -13.69 16.89
CA ASN A 127 -6.81 -13.99 17.93
C ASN A 127 -6.89 -15.48 18.30
N GLU A 128 -5.91 -15.95 19.07
CA GLU A 128 -5.75 -17.39 19.40
C GLU A 128 -6.89 -17.80 20.36
N ASP A 129 -7.54 -16.84 21.01
CA ASP A 129 -8.70 -17.09 21.90
C ASP A 129 -9.94 -17.48 21.07
N LEU A 130 -9.91 -17.27 19.75
CA LEU A 130 -11.03 -17.59 18.82
C LEU A 130 -12.28 -16.78 19.19
N LYS A 131 -12.08 -15.60 19.79
CA LYS A 131 -13.17 -14.71 20.27
C LYS A 131 -12.93 -13.29 19.76
N THR A 132 -11.71 -12.78 19.89
CA THR A 132 -11.35 -11.38 19.56
C THR A 132 -10.58 -11.27 18.23
N TRP A 133 -10.59 -10.08 17.65
CA TRP A 133 -9.87 -9.69 16.41
C TRP A 133 -8.75 -8.71 16.74
N THR A 134 -7.68 -8.68 15.94
CA THR A 134 -6.61 -7.64 15.95
C THR A 134 -6.62 -6.89 14.62
N ALA A 135 -6.86 -5.59 14.66
CA ALA A 135 -6.91 -4.68 13.50
C ALA A 135 -5.50 -4.11 13.24
N ALA A 136 -5.07 -4.03 11.97
CA ALA A 136 -3.70 -3.58 11.62
C ALA A 136 -3.68 -2.06 11.38
N ASP A 137 -4.85 -1.40 11.29
CA ASP A 137 -4.96 0.05 11.02
C ASP A 137 -6.40 0.53 11.26
N MET A 138 -6.66 1.80 10.96
CA MET A 138 -7.91 2.54 11.25
C MET A 138 -9.07 1.85 10.55
N ALA A 139 -8.89 1.52 9.26
CA ALA A 139 -9.94 0.91 8.41
C ALA A 139 -10.40 -0.39 9.06
N ALA A 140 -9.45 -1.22 9.49
CA ALA A 140 -9.74 -2.55 10.04
C ALA A 140 -10.57 -2.44 11.33
N LEU A 141 -10.43 -1.34 12.09
CA LEU A 141 -11.25 -1.04 13.32
C LEU A 141 -12.73 -0.97 12.92
N ILE A 142 -13.04 -0.39 11.78
CA ILE A 142 -14.46 -0.34 11.28
C ILE A 142 -14.99 -1.77 11.09
N THR A 143 -14.22 -2.63 10.43
CA THR A 143 -14.57 -4.06 10.23
C THR A 143 -14.75 -4.70 11.61
N LYS A 144 -13.87 -4.36 12.56
CA LYS A 144 -13.84 -4.95 13.92
C LYS A 144 -15.18 -4.66 14.59
N HIS A 145 -15.56 -3.39 14.70
CA HIS A 145 -16.84 -2.99 15.32
C HIS A 145 -17.99 -3.74 14.63
N LYS A 146 -18.01 -3.79 13.30
CA LYS A 146 -19.12 -4.43 12.53
C LYS A 146 -19.23 -5.90 12.94
N TRP A 147 -18.08 -6.56 13.09
CA TRP A 147 -17.96 -8.01 13.27
C TRP A 147 -18.31 -8.40 14.71
N GLU A 148 -17.98 -7.55 15.68
CA GLU A 148 -18.39 -7.70 17.09
C GLU A 148 -19.91 -7.57 17.20
N GLN A 149 -20.50 -6.51 16.67
CA GLN A 149 -21.96 -6.27 16.73
C GLN A 149 -22.70 -7.51 16.18
N ALA A 150 -22.13 -8.19 15.18
CA ALA A 150 -22.77 -9.29 14.43
C ALA A 150 -22.44 -10.66 15.05
N GLY A 151 -21.47 -10.73 15.96
CA GLY A 151 -21.04 -12.00 16.59
C GLY A 151 -20.36 -12.91 15.59
N GLU A 152 -19.46 -12.37 14.76
CA GLU A 152 -18.82 -13.06 13.62
C GLU A 152 -17.76 -14.06 14.10
N ALA A 153 -17.02 -13.73 15.16
CA ALA A 153 -16.14 -14.68 15.87
C ALA A 153 -16.85 -16.04 16.09
N GLU A 154 -18.07 -16.04 16.67
CA GLU A 154 -18.82 -17.26 17.08
C GLU A 154 -19.13 -18.14 15.87
N ARG A 155 -19.82 -17.59 14.87
CA ARG A 155 -20.15 -18.30 13.61
C ARG A 155 -18.87 -18.92 13.02
N LEU A 156 -17.72 -18.27 13.19
CA LEU A 156 -16.42 -18.72 12.60
C LEU A 156 -15.83 -19.82 13.47
N ARG A 157 -15.87 -19.66 14.79
CA ARG A 157 -15.60 -20.72 15.82
C ARG A 157 -16.34 -22.01 15.45
N ALA A 158 -17.67 -22.01 15.48
CA ALA A 158 -18.51 -23.18 15.11
C ALA A 158 -17.86 -23.93 13.94
N TYR A 159 -17.57 -23.25 12.83
CA TYR A 159 -16.89 -23.86 11.65
C TYR A 159 -15.51 -24.38 12.06
N LEU A 160 -14.70 -23.53 12.71
CA LEU A 160 -13.28 -23.83 13.04
C LEU A 160 -13.20 -25.07 13.95
N GLU A 161 -13.91 -25.02 15.08
CA GLU A 161 -13.91 -26.10 16.12
C GLU A 161 -14.68 -27.32 15.59
N GLY A 162 -15.69 -27.10 14.74
CA GLY A 162 -16.57 -28.17 14.22
C GLY A 162 -16.18 -28.60 12.83
N THR A 163 -16.91 -28.12 11.82
CA THR A 163 -16.84 -28.51 10.39
C THR A 163 -15.40 -28.58 9.88
N CYS A 164 -14.52 -27.70 10.36
CA CYS A 164 -13.11 -27.65 9.86
C CYS A 164 -12.38 -28.93 10.31
N VAL A 165 -12.46 -29.25 11.60
CA VAL A 165 -11.83 -30.47 12.21
C VAL A 165 -12.37 -31.70 11.49
N GLU A 166 -13.70 -31.84 11.40
CA GLU A 166 -14.37 -33.07 10.91
C GLU A 166 -13.98 -33.32 9.45
N TRP A 167 -13.84 -32.28 8.61
CA TRP A 167 -13.42 -32.46 7.19
C TRP A 167 -11.90 -32.68 7.12
N LEU A 168 -11.14 -32.20 8.10
CA LEU A 168 -9.68 -32.49 8.16
C LEU A 168 -9.46 -34.00 8.32
N ARG A 169 -10.10 -34.59 9.34
CA ARG A 169 -10.01 -36.04 9.67
C ARG A 169 -10.37 -36.84 8.41
N ARG A 170 -11.50 -36.48 7.78
CA ARG A 170 -12.03 -37.17 6.58
C ARG A 170 -10.98 -37.10 5.45
N TYR A 171 -10.40 -35.93 5.20
CA TYR A 171 -9.44 -35.68 4.09
C TYR A 171 -8.15 -36.48 4.32
N LEU A 172 -7.71 -36.58 5.57
CA LEU A 172 -6.51 -37.36 5.96
C LEU A 172 -6.73 -38.84 5.65
N LYS A 173 -7.83 -39.41 6.15
CA LYS A 173 -8.27 -40.80 5.84
C LYS A 173 -8.19 -41.06 4.33
N ASN A 174 -8.82 -40.20 3.53
CA ASN A 174 -8.97 -40.40 2.07
C ASN A 174 -7.61 -40.29 1.36
N GLY A 175 -6.66 -39.55 1.95
CA GLY A 175 -5.44 -39.07 1.26
C GLY A 175 -4.14 -39.46 1.94
N ASN A 176 -4.19 -40.03 3.14
CA ASN A 176 -3.00 -40.45 3.94
C ASN A 176 -1.99 -41.18 3.05
N ALA A 177 -2.45 -42.01 2.11
CA ALA A 177 -1.61 -42.71 1.11
C ALA A 177 -0.44 -41.82 0.72
N THR A 178 -0.74 -40.58 0.29
CA THR A 178 0.21 -39.61 -0.31
C THR A 178 0.67 -38.57 0.73
N LEU A 179 -0.18 -38.18 1.69
CA LEU A 179 0.06 -37.04 2.63
C LEU A 179 1.14 -37.39 3.65
N LEU A 180 1.10 -38.59 4.24
CA LEU A 180 2.03 -38.98 5.34
C LEU A 180 3.16 -39.89 4.82
N ARG A 181 3.26 -40.09 3.49
CA ARG A 181 4.40 -40.77 2.84
C ARG A 181 5.66 -39.92 3.04
N THR A 182 6.83 -40.46 2.69
CA THR A 182 8.13 -39.79 2.91
C THR A 182 9.10 -40.17 1.81
N ASP A 183 9.34 -39.27 0.86
CA ASP A 183 10.33 -39.44 -0.23
C ASP A 183 11.61 -38.77 0.24
N SER A 184 12.65 -39.58 0.49
CA SER A 184 13.93 -39.11 1.05
C SER A 184 14.71 -38.38 -0.03
N PRO A 185 15.45 -37.31 0.31
CA PRO A 185 16.19 -36.58 -0.71
C PRO A 185 17.27 -37.49 -1.33
N LYS A 186 17.53 -37.30 -2.62
CA LYS A 186 18.76 -37.74 -3.31
C LYS A 186 19.64 -36.50 -3.46
N ALA A 187 20.87 -36.52 -2.94
CA ALA A 187 21.73 -35.33 -2.78
C ALA A 187 23.07 -35.52 -3.49
N HIS A 188 23.62 -34.46 -4.07
CA HIS A 188 24.92 -34.49 -4.78
C HIS A 188 25.54 -33.10 -4.76
N VAL A 189 26.85 -33.00 -5.03
CA VAL A 189 27.61 -31.71 -5.07
C VAL A 189 28.05 -31.47 -6.51
N THR A 190 28.03 -30.21 -6.96
CA THR A 190 28.63 -29.79 -8.24
C THR A 190 29.73 -28.77 -7.95
N HIS A 191 30.83 -28.85 -8.70
CA HIS A 191 31.98 -27.91 -8.65
C HIS A 191 31.94 -27.07 -9.94
N HIS A 192 31.65 -25.78 -9.80
CA HIS A 192 31.76 -24.78 -10.89
C HIS A 192 32.91 -23.83 -10.51
N SER A 193 33.94 -23.73 -11.35
CA SER A 193 35.12 -22.84 -11.11
C SER A 193 34.67 -21.40 -11.36
N ARG A 194 35.29 -20.44 -10.67
CA ARG A 194 34.81 -19.03 -10.53
C ARG A 194 36.04 -18.11 -10.60
N PRO A 195 35.94 -16.90 -11.20
CA PRO A 195 37.07 -15.96 -11.29
C PRO A 195 37.97 -15.81 -10.05
N GLU A 196 39.27 -15.63 -10.30
CA GLU A 196 40.35 -15.47 -9.28
C GLU A 196 40.47 -16.79 -8.48
N ASP A 197 40.53 -17.91 -9.20
CA ASP A 197 40.76 -19.27 -8.64
C ASP A 197 39.96 -19.45 -7.35
N LYS A 198 38.64 -19.49 -7.47
CA LYS A 198 37.68 -19.94 -6.43
C LYS A 198 36.73 -20.94 -7.08
N VAL A 199 36.02 -21.74 -6.29
CA VAL A 199 35.00 -22.70 -6.79
C VAL A 199 33.73 -22.56 -5.95
N THR A 200 32.59 -22.44 -6.65
CA THR A 200 31.23 -22.59 -6.08
C THR A 200 31.02 -24.08 -5.81
N LEU A 201 30.82 -24.46 -4.54
CA LEU A 201 30.33 -25.82 -4.17
C LEU A 201 28.82 -25.72 -3.96
N ARG A 202 28.05 -26.50 -4.72
CA ARG A 202 26.56 -26.45 -4.67
C ARG A 202 26.09 -27.80 -4.18
N CYS A 203 25.40 -27.82 -3.05
CA CYS A 203 24.77 -29.02 -2.48
C CYS A 203 23.31 -29.06 -2.94
N TRP A 204 22.97 -30.09 -3.72
CA TRP A 204 21.61 -30.33 -4.27
C TRP A 204 20.85 -31.31 -3.39
N ALA A 205 19.56 -31.08 -3.16
CA ALA A 205 18.61 -32.05 -2.62
C ALA A 205 17.45 -32.14 -3.61
N LEU A 206 17.12 -33.34 -4.07
CA LEU A 206 16.12 -33.57 -5.14
C LEU A 206 15.13 -34.64 -4.71
N GLY A 207 13.90 -34.51 -5.18
CA GLY A 207 12.90 -35.59 -5.18
C GLY A 207 12.42 -35.90 -3.78
N PHE A 208 12.46 -34.91 -2.87
CA PHE A 208 12.05 -35.09 -1.46
C PHE A 208 10.59 -34.62 -1.20
N TYR A 209 9.98 -35.24 -0.19
CA TYR A 209 8.66 -34.91 0.38
C TYR A 209 8.64 -35.37 1.84
N PRO A 210 8.11 -34.57 2.79
CA PRO A 210 7.61 -33.22 2.53
C PRO A 210 8.68 -32.16 2.21
N ALA A 211 8.25 -30.91 2.02
CA ALA A 211 9.08 -29.74 1.65
C ALA A 211 10.11 -29.42 2.74
N ASP A 212 9.79 -29.64 4.02
CA ASP A 212 10.66 -29.23 5.16
C ASP A 212 12.06 -29.85 5.00
N ILE A 213 13.11 -29.04 4.99
CA ILE A 213 14.48 -29.55 4.82
C ILE A 213 15.47 -28.49 5.28
N THR A 214 16.64 -28.93 5.73
CA THR A 214 17.79 -28.09 6.11
C THR A 214 19.04 -28.54 5.37
N LEU A 215 19.74 -27.61 4.71
CA LEU A 215 21.07 -27.83 4.10
C LEU A 215 22.08 -27.02 4.88
N THR A 216 23.24 -27.59 5.22
CA THR A 216 24.36 -26.93 5.94
C THR A 216 25.69 -27.21 5.22
N TRP A 217 26.51 -26.17 5.07
CA TRP A 217 27.92 -26.28 4.64
C TRP A 217 28.80 -26.01 5.86
N GLN A 218 29.90 -26.73 6.03
CA GLN A 218 30.81 -26.50 7.18
C GLN A 218 32.24 -26.90 6.84
N LEU A 219 33.15 -26.40 7.66
CA LEU A 219 34.60 -26.69 7.64
C LEU A 219 35.01 -27.14 9.04
N ASN A 220 35.11 -28.47 9.27
CA ASN A 220 35.50 -29.06 10.58
C ASN A 220 34.59 -28.50 11.69
N GLY A 221 33.36 -29.01 11.81
CA GLY A 221 32.41 -28.64 12.88
C GLY A 221 31.61 -27.36 12.58
N GLU A 222 32.28 -26.26 12.18
CA GLU A 222 31.72 -24.88 12.20
C GLU A 222 30.83 -24.62 10.98
N GLU A 223 29.58 -24.17 11.21
CA GLU A 223 28.53 -24.00 10.17
C GLU A 223 28.58 -22.61 9.53
N LEU A 224 28.77 -22.55 8.20
CA LEU A 224 28.99 -21.30 7.43
C LEU A 224 27.65 -20.57 7.26
N ILE A 225 27.32 -19.68 8.20
CA ILE A 225 26.08 -18.84 8.18
C ILE A 225 26.21 -17.85 7.00
N GLN A 226 27.10 -16.87 7.14
CA GLN A 226 27.28 -15.72 6.22
C GLN A 226 27.33 -16.20 4.75
N ASP A 227 28.35 -17.01 4.41
CA ASP A 227 28.74 -17.28 2.99
C ASP A 227 27.64 -18.00 2.20
N MET A 228 26.65 -18.63 2.87
CA MET A 228 25.78 -19.62 2.19
C MET A 228 24.72 -18.92 1.33
N GLU A 229 24.72 -19.19 0.02
CA GLU A 229 23.63 -18.82 -0.91
C GLU A 229 22.63 -19.97 -0.88
N LEU A 230 21.36 -19.67 -0.65
CA LEU A 230 20.32 -20.70 -0.37
C LEU A 230 19.08 -20.32 -1.18
N VAL A 231 18.71 -21.09 -2.21
CA VAL A 231 17.44 -20.85 -2.97
C VAL A 231 16.26 -21.37 -2.13
N GLU A 232 15.08 -20.81 -2.39
CA GLU A 232 13.79 -21.29 -1.82
C GLU A 232 13.51 -22.67 -2.39
N THR A 233 13.05 -23.58 -1.54
CA THR A 233 12.47 -24.86 -1.95
C THR A 233 11.51 -24.60 -3.09
N ARG A 234 11.62 -25.38 -4.16
CA ARG A 234 10.81 -25.26 -5.40
C ARG A 234 10.14 -26.61 -5.66
N PRO A 235 8.90 -26.67 -6.19
CA PRO A 235 8.28 -27.96 -6.52
C PRO A 235 8.84 -28.47 -7.85
N ALA A 236 9.12 -29.77 -7.93
CA ALA A 236 9.41 -30.48 -9.21
C ALA A 236 8.16 -30.46 -10.10
N GLY A 237 6.98 -30.30 -9.48
CA GLY A 237 5.68 -30.33 -10.16
C GLY A 237 5.12 -31.74 -10.28
N ASP A 238 5.73 -32.71 -9.59
CA ASP A 238 5.21 -34.10 -9.41
C ASP A 238 4.93 -34.36 -7.92
N GLY A 239 4.88 -33.32 -7.07
CA GLY A 239 4.61 -33.44 -5.61
C GLY A 239 5.87 -33.59 -4.76
N THR A 240 7.05 -33.70 -5.37
CA THR A 240 8.34 -33.70 -4.65
C THR A 240 8.99 -32.34 -4.84
N PHE A 241 10.04 -32.06 -4.07
CA PHE A 241 10.66 -30.71 -4.00
C PHE A 241 12.14 -30.81 -4.36
N GLN A 242 12.73 -29.66 -4.65
CA GLN A 242 14.17 -29.48 -4.94
C GLN A 242 14.66 -28.31 -4.10
N LYS A 243 15.92 -28.34 -3.67
CA LYS A 243 16.60 -27.18 -3.05
C LYS A 243 18.10 -27.30 -3.33
N TRP A 244 18.83 -26.18 -3.33
CA TRP A 244 20.31 -26.19 -3.24
C TRP A 244 20.83 -25.09 -2.31
N ALA A 245 21.98 -25.36 -1.68
CA ALA A 245 22.81 -24.46 -0.85
C ALA A 245 24.23 -24.45 -1.42
N SER A 246 24.87 -23.27 -1.56
CA SER A 246 26.22 -23.10 -2.15
C SER A 246 27.15 -22.29 -1.23
N VAL A 247 28.45 -22.52 -1.37
CA VAL A 247 29.54 -21.68 -0.77
C VAL A 247 30.65 -21.45 -1.80
N VAL A 248 31.32 -20.31 -1.67
CA VAL A 248 32.58 -19.96 -2.39
C VAL A 248 33.74 -20.44 -1.50
N VAL A 249 34.64 -21.24 -2.06
CA VAL A 249 35.87 -21.74 -1.38
C VAL A 249 37.09 -21.51 -2.27
N PRO A 250 38.30 -21.37 -1.68
CA PRO A 250 39.53 -21.31 -2.45
C PRO A 250 39.83 -22.64 -3.17
N LEU A 251 40.35 -22.58 -4.40
CA LEU A 251 40.86 -23.77 -5.17
C LEU A 251 41.87 -24.51 -4.30
N GLY A 252 41.93 -25.84 -4.46
CA GLY A 252 42.78 -26.74 -3.66
C GLY A 252 42.15 -27.10 -2.31
N LYS A 253 41.11 -26.40 -1.84
CA LYS A 253 40.58 -26.51 -0.45
C LYS A 253 39.16 -27.09 -0.42
N GLU A 254 38.60 -27.41 -1.58
CA GLU A 254 37.21 -27.93 -1.77
C GLU A 254 36.96 -29.12 -0.84
N GLN A 255 37.97 -29.96 -0.66
CA GLN A 255 37.83 -31.30 -0.03
C GLN A 255 37.59 -31.14 1.48
N TYR A 256 37.89 -29.98 2.07
CA TYR A 256 37.74 -29.74 3.53
C TYR A 256 36.28 -29.39 3.87
N TYR A 257 35.48 -28.97 2.88
CA TYR A 257 34.06 -28.56 3.06
C TYR A 257 33.12 -29.75 2.93
N THR A 258 32.14 -29.81 3.84
CA THR A 258 31.13 -30.89 3.98
C THR A 258 29.71 -30.29 4.00
N CYS A 259 28.79 -30.93 3.30
CA CYS A 259 27.34 -30.57 3.26
C CYS A 259 26.56 -31.58 4.11
N HIS A 260 25.56 -31.12 4.86
CA HIS A 260 24.61 -31.99 5.59
C HIS A 260 23.21 -31.73 5.04
N VAL A 261 22.37 -32.76 5.03
CA VAL A 261 20.97 -32.69 4.54
C VAL A 261 20.11 -33.39 5.58
N TYR A 262 19.27 -32.63 6.28
CA TYR A 262 18.37 -33.16 7.33
C TYR A 262 16.96 -33.12 6.76
N HIS A 263 16.21 -34.22 6.93
CA HIS A 263 14.85 -34.39 6.38
C HIS A 263 14.17 -35.50 7.20
N GLN A 264 12.83 -35.59 7.22
CA GLN A 264 12.10 -36.53 8.11
C GLN A 264 12.31 -37.98 7.62
N GLY A 265 12.61 -38.17 6.33
CA GLY A 265 12.94 -39.46 5.70
C GLY A 265 14.40 -39.87 5.87
N LEU A 266 15.10 -39.34 6.88
CA LEU A 266 16.51 -39.67 7.19
C LEU A 266 16.69 -39.70 8.70
N PRO A 267 17.05 -40.87 9.30
CA PRO A 267 17.26 -40.95 10.75
C PRO A 267 18.53 -40.18 11.16
N GLU A 268 19.50 -40.11 10.25
CA GLU A 268 20.78 -39.38 10.38
C GLU A 268 20.95 -38.58 9.08
N PRO A 269 21.58 -37.38 9.10
CA PRO A 269 21.70 -36.59 7.88
C PRO A 269 22.62 -37.21 6.82
N LEU A 270 22.43 -36.85 5.55
CA LEU A 270 23.38 -37.20 4.47
C LEU A 270 24.61 -36.30 4.66
N THR A 271 25.80 -36.80 4.32
CA THR A 271 27.08 -36.06 4.33
C THR A 271 27.69 -36.19 2.94
N LEU A 272 28.09 -35.09 2.29
CA LEU A 272 28.60 -35.13 0.90
C LEU A 272 29.72 -34.12 0.72
N ARG A 273 30.74 -34.51 -0.06
CA ARG A 273 31.87 -33.65 -0.48
C ARG A 273 31.92 -33.66 -2.01
N TRP A 274 32.88 -32.94 -2.60
CA TRP A 274 32.98 -32.71 -4.07
C TRP A 274 33.60 -33.92 -4.77
N GLU A 275 33.71 -33.84 -6.13
CA GLU A 275 34.43 -34.75 -7.06
C GLU A 275 33.84 -34.61 -8.48
N ILE B 1 3.51 -0.87 -2.64
CA ILE B 1 3.64 -2.29 -2.22
C ILE B 1 4.01 -3.15 -3.44
N GLN B 2 5.08 -2.77 -4.17
CA GLN B 2 5.60 -3.53 -5.34
C GLN B 2 6.82 -4.37 -4.89
N LYS B 3 6.90 -5.63 -5.37
CA LYS B 3 7.86 -6.68 -4.94
C LYS B 3 8.51 -7.33 -6.20
N THR B 4 9.84 -7.45 -6.21
CA THR B 4 10.67 -7.92 -7.36
C THR B 4 10.63 -9.45 -7.49
N PRO B 5 9.91 -10.02 -8.48
CA PRO B 5 9.75 -11.47 -8.56
C PRO B 5 11.06 -12.22 -8.79
N GLN B 6 11.34 -13.24 -7.95
CA GLN B 6 12.45 -14.21 -8.08
C GLN B 6 12.03 -15.29 -9.08
N ILE B 7 12.91 -15.60 -10.03
CA ILE B 7 12.69 -16.48 -11.21
C ILE B 7 13.68 -17.65 -11.16
N GLN B 8 13.18 -18.88 -11.14
CA GLN B 8 14.00 -20.11 -11.27
C GLN B 8 13.48 -20.91 -12.45
N VAL B 9 14.41 -21.35 -13.30
CA VAL B 9 14.14 -22.17 -14.53
C VAL B 9 14.90 -23.49 -14.38
N TYR B 10 14.18 -24.61 -14.35
CA TYR B 10 14.76 -25.93 -13.99
C TYR B 10 13.88 -27.04 -14.55
N SER B 11 14.43 -28.26 -14.57
CA SER B 11 13.76 -29.46 -15.14
C SER B 11 13.20 -30.30 -13.98
N ARG B 12 12.00 -30.87 -14.16
CA ARG B 12 11.37 -31.81 -13.19
C ARG B 12 12.39 -32.89 -12.80
N HIS B 13 12.82 -33.69 -13.78
CA HIS B 13 13.79 -34.81 -13.60
C HIS B 13 15.18 -34.32 -14.03
N PRO B 14 16.27 -34.98 -13.57
CA PRO B 14 17.62 -34.70 -14.08
C PRO B 14 17.70 -34.89 -15.59
N PRO B 15 18.31 -33.93 -16.33
CA PRO B 15 18.20 -33.87 -17.78
C PRO B 15 19.08 -34.87 -18.57
N GLU B 16 18.47 -35.56 -19.53
CA GLU B 16 19.12 -36.51 -20.48
C GLU B 16 18.71 -36.17 -21.91
N ASN B 17 19.66 -35.83 -22.78
CA ASN B 17 19.40 -35.49 -24.20
C ASN B 17 18.57 -36.59 -24.85
N GLY B 18 17.53 -36.24 -25.60
CA GLY B 18 16.68 -37.21 -26.31
C GLY B 18 15.52 -37.70 -25.47
N LYS B 19 15.61 -37.57 -24.13
CA LYS B 19 14.63 -38.12 -23.15
C LYS B 19 13.57 -37.07 -22.80
N PRO B 20 12.28 -37.29 -23.12
CA PRO B 20 11.22 -36.35 -22.73
C PRO B 20 11.33 -35.96 -21.25
N ASN B 21 10.86 -34.77 -20.91
CA ASN B 21 11.07 -34.14 -19.57
C ASN B 21 10.12 -32.93 -19.47
N ILE B 22 10.05 -32.32 -18.27
CA ILE B 22 9.24 -31.09 -18.01
C ILE B 22 10.17 -29.94 -17.59
N LEU B 23 10.03 -28.79 -18.25
CA LEU B 23 10.77 -27.55 -17.88
C LEU B 23 9.87 -26.69 -16.99
N ASN B 24 10.36 -26.30 -15.82
CA ASN B 24 9.60 -25.47 -14.86
C ASN B 24 10.14 -24.04 -14.83
N CYS B 25 9.24 -23.07 -14.81
CA CYS B 25 9.51 -21.66 -14.46
C CYS B 25 8.76 -21.28 -13.18
N TYR B 26 9.48 -21.15 -12.07
CA TYR B 26 8.97 -20.80 -10.72
C TYR B 26 9.30 -19.34 -10.44
N VAL B 27 8.24 -18.51 -10.46
CA VAL B 27 8.28 -17.06 -10.17
C VAL B 27 7.60 -16.83 -8.82
N THR B 28 8.30 -16.20 -7.88
CA THR B 28 7.90 -16.05 -6.46
C THR B 28 8.04 -14.59 -6.02
N GLN B 29 7.55 -14.25 -4.83
CA GLN B 29 7.88 -13.00 -4.12
C GLN B 29 7.35 -11.80 -4.88
N PHE B 30 6.26 -11.92 -5.64
CA PHE B 30 5.71 -10.77 -6.38
C PHE B 30 4.33 -10.38 -5.86
N HIS B 31 4.02 -9.09 -6.00
CA HIS B 31 2.74 -8.40 -5.71
C HIS B 31 2.79 -7.11 -6.52
N PRO B 32 1.74 -6.68 -7.25
CA PRO B 32 0.43 -7.33 -7.28
C PRO B 32 0.46 -8.60 -8.13
N PRO B 33 -0.63 -9.40 -8.13
CA PRO B 33 -0.64 -10.69 -8.81
C PRO B 33 -0.47 -10.62 -10.32
N HIS B 34 -0.77 -9.49 -10.95
CA HIS B 34 -0.76 -9.42 -12.43
C HIS B 34 0.71 -9.59 -12.87
N ILE B 35 0.94 -10.54 -13.76
CA ILE B 35 2.32 -10.88 -14.25
C ILE B 35 2.18 -11.57 -15.60
N GLU B 36 3.12 -11.35 -16.50
CA GLU B 36 3.16 -12.03 -17.82
C GLU B 36 4.43 -12.90 -17.84
N ILE B 37 4.28 -14.17 -18.17
CA ILE B 37 5.38 -15.19 -18.12
C ILE B 37 5.37 -15.96 -19.43
N GLN B 38 6.43 -15.85 -20.23
CA GLN B 38 6.63 -16.65 -21.46
C GLN B 38 7.82 -17.59 -21.25
N MET B 39 7.72 -18.82 -21.78
CA MET B 39 8.84 -19.77 -21.87
C MET B 39 9.30 -19.85 -23.33
N LEU B 40 10.60 -19.96 -23.52
CA LEU B 40 11.25 -19.70 -24.83
C LEU B 40 12.21 -20.85 -25.13
N LYS B 41 12.19 -21.30 -26.39
CA LYS B 41 13.10 -22.29 -27.00
C LYS B 41 13.86 -21.55 -28.10
N ASN B 42 15.17 -21.36 -27.96
CA ASN B 42 15.98 -20.67 -28.97
C ASN B 42 15.42 -19.25 -29.15
N GLY B 43 14.94 -18.66 -28.05
CA GLY B 43 14.33 -17.31 -27.99
C GLY B 43 13.02 -17.17 -28.73
N LYS B 44 12.23 -18.25 -28.83
CA LYS B 44 10.91 -18.28 -29.52
C LYS B 44 9.83 -18.77 -28.56
N LYS B 45 8.75 -17.99 -28.39
CA LYS B 45 7.56 -18.35 -27.58
C LYS B 45 7.20 -19.81 -27.85
N ILE B 46 7.19 -20.61 -26.80
CA ILE B 46 6.62 -21.98 -26.78
C ILE B 46 5.11 -21.84 -26.56
N PRO B 47 4.27 -22.50 -27.38
CA PRO B 47 2.80 -22.36 -27.27
C PRO B 47 2.18 -23.22 -26.16
N LYS B 48 1.01 -22.80 -25.65
CA LYS B 48 0.14 -23.55 -24.71
C LYS B 48 0.88 -23.87 -23.40
N VAL B 49 1.51 -22.86 -22.78
CA VAL B 49 2.14 -22.97 -21.43
C VAL B 49 1.13 -22.50 -20.39
N GLU B 50 0.89 -23.31 -19.36
CA GLU B 50 -0.16 -23.07 -18.33
C GLU B 50 0.35 -22.02 -17.33
N MET B 51 -0.24 -20.82 -17.39
CA MET B 51 0.03 -19.67 -16.50
C MET B 51 -1.10 -19.56 -15.46
N SER B 52 -1.64 -20.70 -15.01
CA SER B 52 -2.86 -20.81 -14.16
C SER B 52 -2.52 -21.18 -12.70
N ASP B 53 -1.59 -22.12 -12.46
CA ASP B 53 -1.28 -22.63 -11.09
C ASP B 53 -0.64 -21.52 -10.24
N MET B 54 -1.47 -20.58 -9.77
CA MET B 54 -1.07 -19.41 -8.95
C MET B 54 -1.64 -19.54 -7.53
N SER B 55 -0.84 -19.20 -6.53
CA SER B 55 -1.24 -19.08 -5.12
C SER B 55 -0.33 -18.06 -4.45
N PHE B 56 -0.39 -17.94 -3.13
CA PHE B 56 0.42 -17.00 -2.34
C PHE B 56 0.79 -17.64 -1.01
N SER B 57 1.76 -17.08 -0.30
CA SER B 57 2.36 -17.67 0.92
C SER B 57 1.96 -16.86 2.15
N LYS B 58 2.40 -17.29 3.34
CA LYS B 58 2.06 -16.67 4.64
C LYS B 58 2.34 -15.17 4.60
N ASP B 59 3.27 -14.70 3.74
CA ASP B 59 3.75 -13.28 3.68
C ASP B 59 2.91 -12.48 2.67
N TRP B 60 1.99 -13.14 1.97
CA TRP B 60 0.97 -12.51 1.09
C TRP B 60 1.52 -12.33 -0.34
N SER B 61 2.78 -12.70 -0.57
CA SER B 61 3.42 -12.61 -1.90
C SER B 61 2.93 -13.77 -2.77
N PHE B 62 2.67 -13.48 -4.05
CA PHE B 62 2.17 -14.48 -5.01
C PHE B 62 3.37 -15.27 -5.55
N TYR B 63 3.05 -16.45 -6.07
CA TYR B 63 4.00 -17.38 -6.71
C TYR B 63 3.19 -18.17 -7.72
N ILE B 64 3.80 -18.40 -8.88
CA ILE B 64 3.24 -19.23 -9.96
C ILE B 64 4.31 -20.19 -10.48
N LEU B 65 3.89 -21.45 -10.64
CA LEU B 65 4.66 -22.50 -11.36
C LEU B 65 4.00 -22.74 -12.72
N ALA B 66 4.69 -22.33 -13.78
CA ALA B 66 4.45 -22.71 -15.19
C ALA B 66 5.36 -23.89 -15.53
N HIS B 67 4.92 -24.71 -16.48
CA HIS B 67 5.63 -25.94 -16.93
C HIS B 67 5.24 -26.18 -18.37
N THR B 68 6.13 -26.79 -19.14
CA THR B 68 5.85 -27.25 -20.52
C THR B 68 6.67 -28.52 -20.72
N GLU B 69 6.23 -29.37 -21.66
CA GLU B 69 6.94 -30.61 -22.07
C GLU B 69 8.07 -30.19 -23.00
N PHE B 70 9.19 -30.91 -22.93
CA PHE B 70 10.39 -30.65 -23.76
C PHE B 70 11.28 -31.89 -23.78
N THR B 71 11.94 -32.13 -24.91
CA THR B 71 13.04 -33.12 -25.04
C THR B 71 14.35 -32.36 -25.16
N PRO B 72 15.21 -32.31 -24.11
CA PRO B 72 16.45 -31.55 -24.20
C PRO B 72 17.41 -32.12 -25.26
N THR B 73 18.14 -31.23 -25.94
CA THR B 73 19.24 -31.55 -26.90
C THR B 73 20.49 -30.78 -26.49
N GLU B 74 21.60 -31.02 -27.18
CA GLU B 74 22.92 -30.48 -26.79
C GLU B 74 22.99 -29.00 -27.20
N THR B 75 22.26 -28.57 -28.24
CA THR B 75 22.38 -27.19 -28.78
C THR B 75 21.22 -26.29 -28.36
N ASP B 76 20.03 -26.83 -28.05
CA ASP B 76 18.80 -26.02 -27.79
C ASP B 76 18.96 -25.20 -26.51
N THR B 77 18.57 -23.94 -26.53
CA THR B 77 18.55 -23.08 -25.32
C THR B 77 17.11 -22.93 -24.83
N TYR B 78 16.95 -22.82 -23.52
CA TYR B 78 15.63 -22.60 -22.86
C TYR B 78 15.77 -21.41 -21.92
N ALA B 79 14.72 -20.59 -21.83
CA ALA B 79 14.68 -19.47 -20.89
C ALA B 79 13.24 -19.13 -20.51
N CYS B 80 13.10 -18.30 -19.49
CA CYS B 80 11.80 -17.82 -18.99
C CYS B 80 11.86 -16.29 -18.97
N ARG B 81 11.00 -15.63 -19.75
CA ARG B 81 10.88 -14.15 -19.80
C ARG B 81 9.70 -13.73 -18.91
N VAL B 82 9.94 -12.87 -17.92
CA VAL B 82 8.91 -12.39 -16.93
C VAL B 82 8.75 -10.87 -17.04
N LYS B 83 7.49 -10.40 -17.17
CA LYS B 83 7.09 -8.96 -17.16
C LYS B 83 6.20 -8.68 -15.95
N HIS B 84 6.66 -7.81 -15.05
CA HIS B 84 5.90 -7.34 -13.87
C HIS B 84 5.94 -5.80 -13.83
N ALA B 85 4.93 -5.19 -13.23
CA ALA B 85 4.81 -3.73 -13.02
C ALA B 85 6.08 -3.23 -12.32
N SER B 86 6.57 -4.00 -11.35
CA SER B 86 7.73 -3.62 -10.49
C SER B 86 9.04 -3.53 -11.28
N MET B 87 9.02 -3.84 -12.59
CA MET B 87 10.24 -3.97 -13.43
C MET B 87 10.10 -3.09 -14.67
N ALA B 88 11.08 -2.22 -14.90
CA ALA B 88 11.16 -1.33 -16.08
C ALA B 88 11.22 -2.18 -17.37
N GLU B 89 11.97 -3.28 -17.33
CA GLU B 89 12.19 -4.17 -18.50
C GLU B 89 11.86 -5.61 -18.11
N PRO B 90 11.39 -6.45 -19.07
CA PRO B 90 11.37 -7.89 -18.88
C PRO B 90 12.71 -8.43 -18.38
N LYS B 91 12.66 -9.47 -17.56
CA LYS B 91 13.83 -10.21 -17.00
C LYS B 91 13.81 -11.61 -17.63
N THR B 92 14.89 -12.00 -18.32
CA THR B 92 15.05 -13.32 -18.99
C THR B 92 16.02 -14.14 -18.15
N VAL B 93 15.56 -15.25 -17.56
CA VAL B 93 16.45 -16.25 -16.91
C VAL B 93 16.52 -17.48 -17.82
N TYR B 94 17.75 -17.94 -18.07
CA TYR B 94 18.11 -19.10 -18.91
C TYR B 94 18.11 -20.36 -18.06
N TRP B 95 17.64 -21.47 -18.64
CA TRP B 95 17.87 -22.83 -18.11
C TRP B 95 19.36 -23.10 -18.09
N ASP B 96 19.90 -23.42 -16.91
CA ASP B 96 21.31 -23.84 -16.72
C ASP B 96 21.31 -25.25 -16.15
N ARG B 97 21.71 -26.20 -16.98
CA ARG B 97 21.60 -27.65 -16.69
C ARG B 97 22.80 -28.10 -15.85
N ASP B 98 23.95 -27.40 -15.88
CA ASP B 98 25.18 -27.78 -15.13
C ASP B 98 25.14 -27.21 -13.71
N MET B 99 24.19 -26.32 -13.42
CA MET B 99 24.10 -25.66 -12.09
C MET B 99 24.12 -26.77 -11.04
N SER C 1 -13.71 -28.57 3.42
CA SER C 1 -14.85 -27.62 3.46
C SER C 1 -14.35 -26.22 3.83
N VAL C 2 -14.43 -25.26 2.90
CA VAL C 2 -14.13 -23.83 3.14
C VAL C 2 -15.28 -23.23 3.94
N PHE C 3 -15.00 -22.27 4.83
CA PHE C 3 -16.02 -21.34 5.38
C PHE C 3 -16.72 -20.64 4.21
N ALA C 4 -18.05 -20.49 4.29
CA ALA C 4 -18.91 -20.07 3.18
C ALA C 4 -19.88 -18.99 3.64
N ILE C 5 -19.93 -17.93 2.82
CA ILE C 5 -20.38 -16.55 3.14
C ILE C 5 -19.44 -16.00 4.23
N PHE C 6 -18.16 -15.82 3.88
CA PHE C 6 -17.18 -15.02 4.63
C PHE C 6 -17.86 -13.69 4.99
N ALA C 7 -17.58 -13.15 6.17
CA ALA C 7 -18.27 -11.97 6.72
C ALA C 7 -17.89 -10.70 5.96
N ALA C 8 -18.89 -9.83 5.74
CA ALA C 8 -18.80 -8.58 4.97
C ALA C 8 -17.96 -7.54 5.73
N LEU C 9 -16.91 -6.99 5.09
CA LEU C 9 -15.95 -6.04 5.69
C LEU C 9 -16.62 -4.70 5.97
N GLY D 1 5.76 4.15 14.12
CA GLY D 1 4.75 3.99 13.03
C GLY D 1 5.42 4.07 11.67
N PRO D 2 4.64 4.26 10.57
CA PRO D 2 5.17 4.56 9.24
C PRO D 2 5.16 6.07 8.87
N HIS D 3 6.34 6.67 8.67
CA HIS D 3 6.54 8.16 8.67
C HIS D 3 7.17 8.64 7.34
N SER D 4 6.92 9.91 6.99
CA SER D 4 7.21 10.53 5.66
C SER D 4 7.91 11.87 5.81
N LEU D 5 8.81 12.19 4.86
CA LEU D 5 9.37 13.55 4.67
C LEU D 5 9.03 14.00 3.25
N ARG D 6 8.19 15.03 3.13
CA ARG D 6 7.66 15.53 1.83
C ARG D 6 7.88 17.05 1.72
N TYR D 7 8.45 17.48 0.60
CA TYR D 7 8.50 18.91 0.16
C TYR D 7 7.48 19.12 -0.96
N PHE D 8 6.66 20.17 -0.79
CA PHE D 8 5.63 20.61 -1.75
C PHE D 8 6.09 21.92 -2.35
N VAL D 9 6.46 21.91 -3.64
CA VAL D 9 7.08 23.10 -4.29
C VAL D 9 6.10 23.66 -5.33
N THR D 10 6.07 24.99 -5.41
CA THR D 10 5.21 25.79 -6.31
C THR D 10 6.08 26.87 -6.95
N ALA D 11 5.96 27.05 -8.26
CA ALA D 11 6.38 28.27 -8.98
C ALA D 11 5.23 28.75 -9.85
N VAL D 12 4.84 30.02 -9.72
CA VAL D 12 3.67 30.63 -10.39
C VAL D 12 4.20 31.85 -11.13
N SER D 13 4.07 31.89 -12.46
CA SER D 13 4.50 33.06 -13.26
C SER D 13 3.46 34.16 -13.08
N ARG D 14 3.91 35.40 -13.20
CA ARG D 14 3.08 36.63 -13.07
C ARG D 14 3.64 37.67 -14.02
N PRO D 15 3.68 37.39 -15.34
CA PRO D 15 4.46 38.23 -16.24
C PRO D 15 3.81 39.61 -16.36
N GLY D 16 4.64 40.66 -16.42
CA GLY D 16 4.21 42.07 -16.42
C GLY D 16 3.91 42.59 -15.01
N LEU D 17 3.76 41.70 -14.02
CA LEU D 17 3.47 42.04 -12.60
C LEU D 17 4.75 41.99 -11.76
N GLY D 18 5.56 40.94 -11.94
CA GLY D 18 6.88 40.80 -11.29
C GLY D 18 7.63 39.58 -11.79
N GLU D 19 8.49 39.02 -10.95
CA GLU D 19 9.15 37.70 -11.19
C GLU D 19 8.30 36.62 -10.55
N PRO D 20 8.47 35.34 -10.95
CA PRO D 20 7.59 34.28 -10.45
C PRO D 20 7.62 34.23 -8.92
N ARG D 21 6.50 33.81 -8.33
CA ARG D 21 6.43 33.46 -6.90
C ARG D 21 6.93 32.03 -6.74
N TYR D 22 7.89 31.81 -5.86
CA TYR D 22 8.45 30.46 -5.57
C TYR D 22 8.20 30.14 -4.10
N MET D 23 7.77 28.91 -3.81
CA MET D 23 7.45 28.43 -2.44
C MET D 23 8.01 27.01 -2.26
N GLU D 24 8.58 26.73 -1.08
CA GLU D 24 8.87 25.37 -0.60
C GLU D 24 8.23 25.25 0.77
N VAL D 25 7.35 24.26 0.92
CA VAL D 25 6.74 23.91 2.23
C VAL D 25 7.14 22.46 2.52
N GLY D 26 7.77 22.22 3.67
CA GLY D 26 8.16 20.85 4.11
C GLY D 26 7.14 20.31 5.09
N TYR D 27 6.83 19.03 4.98
CA TYR D 27 5.94 18.30 5.91
C TYR D 27 6.67 17.06 6.44
N VAL D 28 6.38 16.72 7.70
CA VAL D 28 6.73 15.42 8.35
C VAL D 28 5.42 14.77 8.79
N ASP D 29 5.15 13.53 8.38
CA ASP D 29 3.84 12.89 8.69
C ASP D 29 2.75 13.93 8.39
N ASP D 30 2.76 14.48 7.18
CA ASP D 30 1.72 15.42 6.70
C ASP D 30 1.48 16.51 7.76
N THR D 31 2.52 16.99 8.44
CA THR D 31 2.49 18.19 9.32
C THR D 31 3.58 19.19 8.90
N GLU D 32 3.22 20.46 8.71
CA GLU D 32 4.12 21.50 8.14
C GLU D 32 5.14 21.92 9.20
N PHE D 33 6.43 21.93 8.83
CA PHE D 33 7.53 22.22 9.78
C PHE D 33 8.40 23.39 9.28
N VAL D 34 8.67 23.47 7.98
CA VAL D 34 9.43 24.58 7.34
C VAL D 34 8.66 25.16 6.15
N ARG D 35 8.93 26.41 5.84
CA ARG D 35 8.32 27.20 4.75
C ARG D 35 9.34 28.20 4.23
N PHE D 36 9.53 28.22 2.91
CA PHE D 36 10.18 29.32 2.14
C PHE D 36 9.13 29.90 1.19
N ASP D 37 9.01 31.22 1.18
CA ASP D 37 8.05 32.01 0.37
C ASP D 37 8.79 33.22 -0.19
N SER D 38 9.00 33.25 -1.50
CA SER D 38 9.83 34.30 -2.17
C SER D 38 9.13 35.65 -2.05
N ASP D 39 7.86 35.67 -1.64
CA ASP D 39 7.06 36.92 -1.52
C ASP D 39 6.98 37.43 -0.06
N ALA D 40 7.39 36.63 0.92
CA ALA D 40 7.62 37.08 2.33
C ALA D 40 8.56 38.30 2.31
N GLU D 41 8.51 39.13 3.35
CA GLU D 41 9.23 40.44 3.41
C GLU D 41 10.74 40.23 3.28
N ASN D 42 11.33 39.33 4.08
CA ASN D 42 12.73 38.84 3.85
C ASN D 42 12.67 37.34 3.63
N PRO D 43 12.66 36.91 2.35
CA PRO D 43 12.55 35.49 2.00
C PRO D 43 13.71 34.61 2.50
N ARG D 44 13.43 33.75 3.49
CA ARG D 44 14.37 32.70 3.96
C ARG D 44 13.55 31.49 4.37
N TYR D 45 14.15 30.33 4.47
CA TYR D 45 13.52 29.18 5.14
C TYR D 45 13.22 29.63 6.57
N GLU D 46 12.05 29.25 7.10
CA GLU D 46 11.61 29.64 8.46
C GLU D 46 11.04 28.42 9.15
N PRO D 47 11.22 28.32 10.49
CA PRO D 47 10.61 27.26 11.28
C PRO D 47 9.10 27.52 11.29
N ARG D 48 8.31 26.46 11.14
CA ARG D 48 6.81 26.50 11.16
C ARG D 48 6.29 25.52 12.21
N ALA D 49 7.19 24.87 12.97
CA ALA D 49 6.90 24.24 14.27
C ALA D 49 7.80 24.85 15.36
N ARG D 50 7.58 24.43 16.62
CA ARG D 50 8.40 24.72 17.83
C ARG D 50 9.75 23.99 17.71
N TRP D 51 9.71 22.67 17.59
CA TRP D 51 10.86 21.73 17.67
C TRP D 51 11.92 21.96 16.58
N MET D 52 11.75 22.93 15.66
CA MET D 52 12.73 23.22 14.59
C MET D 52 13.60 24.43 14.96
N GLU D 53 13.19 25.24 15.94
CA GLU D 53 14.04 26.30 16.57
C GLU D 53 15.29 25.67 17.22
N GLN D 54 15.33 24.34 17.34
CA GLN D 54 16.46 23.52 17.82
C GLN D 54 17.63 23.50 16.82
N GLU D 55 17.47 24.04 15.61
CA GLU D 55 18.53 24.01 14.56
C GLU D 55 19.28 25.35 14.56
N GLY D 56 20.58 25.29 14.30
CA GLY D 56 21.48 26.46 14.37
C GLY D 56 21.52 27.21 13.04
N PRO D 57 22.17 28.40 13.00
CA PRO D 57 22.09 29.30 11.84
C PRO D 57 22.58 28.67 10.53
N GLU D 58 23.46 27.67 10.60
CA GLU D 58 24.05 26.96 9.45
C GLU D 58 22.97 26.13 8.72
N TYR D 59 22.01 25.54 9.46
CA TYR D 59 20.86 24.78 8.89
C TYR D 59 20.07 25.72 7.98
N TRP D 60 19.75 26.91 8.50
CA TRP D 60 18.86 27.93 7.90
C TRP D 60 19.54 28.63 6.73
N GLU D 61 20.83 28.93 6.90
CA GLU D 61 21.67 29.57 5.85
C GLU D 61 21.71 28.59 4.68
N ARG D 62 21.84 27.29 4.94
CA ARG D 62 22.08 26.25 3.90
C ARG D 62 20.79 25.93 3.14
N GLU D 63 19.65 25.92 3.83
CA GLU D 63 18.34 25.57 3.23
C GLU D 63 17.86 26.77 2.41
N THR D 64 17.99 27.98 2.94
CA THR D 64 17.83 29.27 2.21
C THR D 64 18.62 29.24 0.88
N GLN D 65 19.93 29.04 0.95
CA GLN D 65 20.82 29.02 -0.25
C GLN D 65 20.22 28.09 -1.30
N LYS D 66 19.84 26.87 -0.89
CA LYS D 66 19.24 25.84 -1.77
C LYS D 66 17.94 26.40 -2.39
N ALA D 67 17.09 26.99 -1.56
CA ALA D 67 15.81 27.56 -2.00
C ALA D 67 16.07 28.72 -2.98
N LYS D 68 17.08 29.55 -2.72
CA LYS D 68 17.40 30.70 -3.62
C LYS D 68 17.91 30.17 -4.97
N GLY D 69 18.61 29.05 -5.00
CA GLY D 69 19.10 28.38 -6.22
C GLY D 69 17.99 27.67 -6.99
N ASN D 70 17.14 26.90 -6.29
CA ASN D 70 15.97 26.21 -6.89
C ASN D 70 15.05 27.26 -7.52
N GLU D 71 14.88 28.40 -6.84
CA GLU D 71 14.06 29.53 -7.35
C GLU D 71 14.53 29.94 -8.75
N GLN D 72 15.82 30.23 -8.92
CA GLN D 72 16.38 30.71 -10.21
C GLN D 72 16.11 29.65 -11.28
N SER D 73 16.20 28.38 -10.90
CA SER D 73 16.08 27.23 -11.82
C SER D 73 14.63 27.05 -12.29
N PHE D 74 13.65 27.20 -11.40
CA PHE D 74 12.20 27.10 -11.70
C PHE D 74 11.78 28.29 -12.59
N ARG D 75 12.45 29.44 -12.52
CA ARG D 75 12.19 30.54 -13.48
C ARG D 75 12.49 30.09 -14.92
N VAL D 76 13.57 29.35 -15.12
CA VAL D 76 13.99 28.82 -16.45
C VAL D 76 12.96 27.77 -16.86
N ASP D 77 12.55 26.92 -15.92
CA ASP D 77 11.64 25.79 -16.21
C ASP D 77 10.32 26.38 -16.75
N LEU D 78 9.78 27.41 -16.10
CA LEU D 78 8.52 28.07 -16.54
C LEU D 78 8.66 28.54 -18.00
N ARG D 79 9.77 29.18 -18.38
CA ARG D 79 10.05 29.62 -19.79
C ARG D 79 10.21 28.40 -20.73
N THR D 80 10.95 27.39 -20.29
CA THR D 80 11.14 26.14 -21.08
C THR D 80 9.78 25.54 -21.42
N LEU D 81 8.85 25.49 -20.45
CA LEU D 81 7.56 24.78 -20.63
C LEU D 81 6.64 25.57 -21.57
N LEU D 82 6.74 26.90 -21.59
CA LEU D 82 6.03 27.76 -22.57
C LEU D 82 6.38 27.29 -24.00
N GLY D 83 7.67 27.09 -24.25
CA GLY D 83 8.20 26.65 -25.55
C GLY D 83 7.68 25.28 -25.93
N TYR D 84 7.74 24.31 -25.02
CA TYR D 84 7.36 22.90 -25.31
C TYR D 84 5.89 22.84 -25.72
N TYR D 85 5.03 23.64 -25.09
CA TYR D 85 3.56 23.69 -25.33
C TYR D 85 3.17 24.78 -26.32
N ASN D 86 4.12 25.65 -26.71
CA ASN D 86 3.88 26.73 -27.69
C ASN D 86 2.78 27.65 -27.13
N GLN D 87 3.01 28.14 -25.91
CA GLN D 87 2.08 29.06 -25.20
C GLN D 87 2.61 30.48 -25.31
N SER D 88 1.70 31.45 -25.25
CA SER D 88 1.97 32.91 -25.23
C SER D 88 2.72 33.29 -23.95
N LYS D 89 3.47 34.39 -24.00
CA LYS D 89 4.39 34.85 -22.94
C LYS D 89 3.64 35.65 -21.87
N GLY D 90 2.34 35.92 -22.05
CA GLY D 90 1.58 36.88 -21.24
C GLY D 90 0.76 36.22 -20.13
N GLY D 91 0.50 34.92 -20.23
CA GLY D 91 -0.32 34.17 -19.26
C GLY D 91 0.46 33.72 -18.04
N SER D 92 -0.25 33.41 -16.96
CA SER D 92 0.26 32.93 -15.66
C SER D 92 0.25 31.40 -15.72
N HIS D 93 1.33 30.76 -15.27
CA HIS D 93 1.42 29.29 -15.19
C HIS D 93 2.01 28.90 -13.84
N THR D 94 1.84 27.62 -13.53
CA THR D 94 2.19 26.88 -12.30
C THR D 94 3.08 25.69 -12.64
N ILE D 95 4.20 25.53 -11.95
CA ILE D 95 4.88 24.21 -11.78
C ILE D 95 4.68 23.84 -10.31
N GLN D 96 4.18 22.64 -10.04
CA GLN D 96 4.13 22.09 -8.67
C GLN D 96 4.95 20.80 -8.62
N VAL D 97 5.56 20.49 -7.48
CA VAL D 97 6.40 19.28 -7.30
C VAL D 97 6.12 18.72 -5.91
N ILE D 98 6.02 17.40 -5.79
CA ILE D 98 6.02 16.67 -4.50
C ILE D 98 7.30 15.83 -4.46
N SER D 99 8.18 16.17 -3.52
CA SER D 99 9.53 15.57 -3.38
C SER D 99 9.68 14.98 -1.97
N GLY D 100 9.90 13.68 -1.83
CA GLY D 100 9.88 13.08 -0.49
C GLY D 100 10.24 11.61 -0.43
N CYS D 101 10.36 11.12 0.80
CA CYS D 101 10.69 9.72 1.14
C CYS D 101 9.73 9.27 2.24
N GLU D 102 9.35 8.00 2.25
CA GLU D 102 8.60 7.39 3.39
C GLU D 102 9.27 6.08 3.79
N VAL D 103 9.57 5.95 5.09
CA VAL D 103 10.14 4.74 5.76
C VAL D 103 9.12 4.20 6.78
N GLY D 104 9.23 2.90 7.11
CA GLY D 104 8.43 2.24 8.16
C GLY D 104 9.17 2.21 9.49
N SER D 105 9.28 1.01 10.09
CA SER D 105 9.94 0.74 11.39
C SER D 105 11.40 0.32 11.15
N ASP D 106 11.62 -0.53 10.13
CA ASP D 106 12.96 -0.91 9.59
C ASP D 106 13.87 0.33 9.56
N GLY D 107 13.32 1.50 9.21
CA GLY D 107 14.08 2.76 9.00
C GLY D 107 14.73 2.79 7.63
N ARG D 108 14.24 1.94 6.71
CA ARG D 108 14.70 1.81 5.30
C ARG D 108 13.58 2.25 4.36
N LEU D 109 13.92 2.62 3.11
CA LEU D 109 13.04 3.34 2.16
C LEU D 109 11.92 2.40 1.65
N LEU D 110 10.66 2.78 1.89
CA LEU D 110 9.47 2.08 1.35
C LEU D 110 9.13 2.64 -0.04
N ARG D 111 9.02 3.97 -0.15
CA ARG D 111 8.49 4.66 -1.36
C ARG D 111 9.24 5.99 -1.59
N GLY D 112 9.71 6.22 -2.81
CA GLY D 112 10.33 7.50 -3.24
C GLY D 112 9.33 8.36 -4.00
N TYR D 113 9.24 9.65 -3.65
CA TYR D 113 8.36 10.67 -4.29
C TYR D 113 9.20 11.67 -5.10
N GLN D 114 8.89 11.83 -6.38
CA GLN D 114 9.26 13.01 -7.20
C GLN D 114 8.26 13.11 -8.34
N GLN D 115 7.18 13.86 -8.15
CA GLN D 115 6.10 14.02 -9.16
C GLN D 115 5.85 15.50 -9.39
N TYR D 116 5.72 15.87 -10.66
CA TYR D 116 5.56 17.25 -11.15
C TYR D 116 4.18 17.39 -11.78
N ALA D 117 3.62 18.60 -11.72
CA ALA D 117 2.45 19.02 -12.50
C ALA D 117 2.72 20.36 -13.18
N TYR D 118 2.12 20.59 -14.36
CA TYR D 118 2.08 21.91 -15.05
C TYR D 118 0.63 22.35 -15.17
N ASP D 119 0.34 23.55 -14.67
CA ASP D 119 -1.03 24.14 -14.56
C ASP D 119 -1.96 23.13 -13.91
N GLY D 120 -1.43 22.32 -12.96
CA GLY D 120 -2.23 21.43 -12.11
C GLY D 120 -2.59 20.11 -12.75
N CYS D 121 -2.00 19.77 -13.91
CA CYS D 121 -2.11 18.46 -14.58
C CYS D 121 -0.78 17.69 -14.43
N ASP D 122 -0.85 16.39 -14.20
CA ASP D 122 0.33 15.48 -14.10
C ASP D 122 1.24 15.79 -15.29
N TYR D 123 2.55 15.87 -15.06
CA TYR D 123 3.55 16.12 -16.11
C TYR D 123 4.52 14.94 -16.15
N ILE D 124 5.23 14.66 -15.05
CA ILE D 124 6.24 13.58 -14.98
C ILE D 124 6.38 13.12 -13.53
N ALA D 125 6.71 11.85 -13.34
CA ALA D 125 6.89 11.20 -12.02
C ALA D 125 7.98 10.14 -12.11
N LEU D 126 8.90 10.13 -11.15
CA LEU D 126 9.79 8.98 -10.84
C LEU D 126 8.95 7.75 -10.48
N ASN D 127 9.21 6.62 -11.14
CA ASN D 127 8.52 5.34 -10.86
C ASN D 127 9.04 4.75 -9.55
N GLU D 128 8.39 3.70 -9.05
CA GLU D 128 8.67 3.11 -7.71
C GLU D 128 10.04 2.42 -7.75
N ASP D 129 10.54 2.09 -8.95
CA ASP D 129 11.88 1.48 -9.15
C ASP D 129 12.99 2.51 -8.85
N LEU D 130 12.65 3.81 -8.77
CA LEU D 130 13.61 4.91 -8.50
C LEU D 130 14.67 4.98 -9.61
N LYS D 131 14.31 4.55 -10.81
CA LYS D 131 15.22 4.49 -11.99
C LYS D 131 14.54 5.17 -13.18
N THR D 132 13.27 4.84 -13.46
CA THR D 132 12.52 5.29 -14.64
C THR D 132 11.51 6.39 -14.29
N TRP D 133 11.14 7.16 -15.32
CA TRP D 133 10.12 8.24 -15.28
C TRP D 133 8.89 7.80 -16.08
N THR D 134 7.71 8.33 -15.73
CA THR D 134 6.45 8.24 -16.52
C THR D 134 6.02 9.65 -16.94
N ALA D 135 5.91 9.88 -18.25
CA ALA D 135 5.50 11.17 -18.86
C ALA D 135 3.99 11.18 -19.06
N ALA D 136 3.31 12.30 -18.77
CA ALA D 136 1.84 12.39 -18.84
C ALA D 136 1.38 12.88 -20.23
N ASP D 137 2.31 13.35 -21.08
CA ASP D 137 2.00 13.90 -22.43
C ASP D 137 3.31 14.12 -23.21
N MET D 138 3.19 14.71 -24.40
CA MET D 138 4.26 14.83 -25.42
C MET D 138 5.39 15.68 -24.84
N ALA D 139 5.05 16.80 -24.22
CA ALA D 139 6.04 17.76 -23.65
C ALA D 139 6.90 17.05 -22.63
N ALA D 140 6.29 16.26 -21.74
CA ALA D 140 7.00 15.57 -20.65
C ALA D 140 8.01 14.56 -21.22
N LEU D 141 7.75 13.99 -22.40
CA LEU D 141 8.69 13.08 -23.13
C LEU D 141 10.01 13.82 -23.39
N ILE D 142 9.95 15.11 -23.76
CA ILE D 142 11.17 15.94 -23.98
C ILE D 142 11.98 15.98 -22.67
N THR D 143 11.35 16.29 -21.54
CA THR D 143 11.98 16.29 -20.19
C THR D 143 12.56 14.90 -19.94
N LYS D 144 11.83 13.85 -20.30
CA LYS D 144 12.22 12.45 -20.03
C LYS D 144 13.54 12.16 -20.73
N HIS D 145 13.62 12.35 -22.04
CA HIS D 145 14.87 12.12 -22.82
C HIS D 145 16.00 12.94 -22.17
N LYS D 146 15.77 14.22 -21.83
CA LYS D 146 16.82 15.11 -21.27
C LYS D 146 17.35 14.50 -19.96
N TRP D 147 16.44 13.96 -19.16
CA TRP D 147 16.71 13.49 -17.78
C TRP D 147 17.42 12.14 -17.79
N GLU D 148 17.09 11.29 -18.75
CA GLU D 148 17.81 10.02 -19.01
C GLU D 148 19.26 10.32 -19.42
N GLN D 149 19.46 11.16 -20.44
CA GLN D 149 20.81 11.48 -20.95
C GLN D 149 21.69 12.00 -19.82
N ALA D 150 21.10 12.70 -18.85
CA ALA D 150 21.81 13.40 -17.75
C ALA D 150 21.94 12.52 -16.50
N GLY D 151 21.26 11.37 -16.45
CA GLY D 151 21.32 10.43 -15.31
C GLY D 151 20.66 11.00 -14.07
N GLU D 152 19.47 11.60 -14.22
CA GLU D 152 18.84 12.47 -13.19
C GLU D 152 18.18 11.61 -12.11
N ALA D 153 17.61 10.46 -12.50
CA ALA D 153 17.13 9.42 -11.56
C ALA D 153 18.17 9.15 -10.47
N GLU D 154 19.45 8.90 -10.84
CA GLU D 154 20.56 8.47 -9.93
C GLU D 154 20.81 9.54 -8.86
N ARG D 155 21.13 10.76 -9.30
CA ARG D 155 21.37 11.92 -8.40
C ARG D 155 20.20 12.06 -7.42
N LEU D 156 18.98 11.73 -7.85
CA LEU D 156 17.74 11.91 -7.04
C LEU D 156 17.61 10.74 -6.04
N ARG D 157 17.87 9.52 -6.51
CA ARG D 157 18.06 8.29 -5.67
C ARG D 157 19.03 8.59 -4.50
N ALA D 158 20.30 8.89 -4.78
CA ALA D 158 21.31 9.24 -3.76
C ALA D 158 20.65 10.05 -2.64
N TYR D 159 19.98 11.16 -2.97
CA TYR D 159 19.27 12.02 -1.99
C TYR D 159 18.16 11.21 -1.31
N LEU D 160 17.32 10.54 -2.11
CA LEU D 160 16.11 9.83 -1.62
C LEU D 160 16.51 8.73 -0.62
N GLU D 161 17.40 7.84 -1.04
CA GLU D 161 17.86 6.66 -0.24
C GLU D 161 18.78 7.16 0.89
N GLY D 162 19.53 8.23 0.67
CA GLY D 162 20.51 8.78 1.63
C GLY D 162 19.94 9.94 2.43
N THR D 163 20.32 11.16 2.03
CA THR D 163 20.06 12.44 2.74
C THR D 163 18.61 12.56 3.20
N CYS D 164 17.65 12.05 2.43
CA CYS D 164 16.21 12.20 2.75
C CYS D 164 15.88 11.38 4.00
N VAL D 165 16.29 10.10 4.02
CA VAL D 165 16.08 9.16 5.17
C VAL D 165 16.74 9.76 6.42
N GLU D 166 18.02 10.13 6.31
CA GLU D 166 18.84 10.55 7.47
C GLU D 166 18.26 11.83 8.10
N TRP D 167 17.71 12.76 7.31
CA TRP D 167 17.07 13.99 7.86
C TRP D 167 15.67 13.67 8.38
N LEU D 168 15.02 12.63 7.87
CA LEU D 168 13.71 12.19 8.40
C LEU D 168 13.89 11.73 9.85
N ARG D 169 14.82 10.79 10.07
CA ARG D 169 15.13 10.21 11.40
C ARG D 169 15.42 11.37 12.36
N ARG D 170 16.28 12.30 11.94
CA ARG D 170 16.71 13.45 12.78
C ARG D 170 15.48 14.30 13.16
N TYR D 171 14.61 14.59 12.19
CA TYR D 171 13.41 15.46 12.39
C TYR D 171 12.42 14.79 13.36
N LEU D 172 12.26 13.46 13.26
CA LEU D 172 11.38 12.67 14.14
C LEU D 172 11.89 12.76 15.59
N LYS D 173 13.17 12.45 15.81
CA LYS D 173 13.85 12.60 17.12
C LYS D 173 13.53 13.97 17.72
N ASN D 174 13.75 15.04 16.96
CA ASN D 174 13.65 16.44 17.46
C ASN D 174 12.19 16.79 17.76
N GLY D 175 11.24 16.12 17.10
CA GLY D 175 9.83 16.58 17.00
C GLY D 175 8.82 15.54 17.45
N ASN D 176 9.23 14.30 17.71
CA ASN D 176 8.36 13.19 18.18
C ASN D 176 7.40 13.67 19.29
N ALA D 177 7.87 14.55 20.18
CA ALA D 177 7.03 15.18 21.25
C ALA D 177 5.63 15.43 20.69
N THR D 178 5.54 16.11 19.55
CA THR D 178 4.29 16.61 18.93
C THR D 178 3.80 15.69 17.80
N LEU D 179 4.71 15.04 17.04
CA LEU D 179 4.40 14.26 15.82
C LEU D 179 3.66 12.96 16.14
N LEU D 180 4.09 12.22 17.18
CA LEU D 180 3.51 10.87 17.48
C LEU D 180 2.54 10.93 18.66
N ARG D 181 2.23 12.15 19.16
CA ARG D 181 1.19 12.36 20.20
C ARG D 181 -0.18 12.02 19.60
N THR D 182 -1.24 12.01 20.41
CA THR D 182 -2.59 11.59 19.98
C THR D 182 -3.65 12.36 20.77
N ASP D 183 -4.26 13.37 20.15
CA ASP D 183 -5.37 14.15 20.72
C ASP D 183 -6.65 13.51 20.21
N SER D 184 -7.41 12.88 21.13
CA SER D 184 -8.63 12.11 20.77
C SER D 184 -9.75 13.08 20.44
N PRO D 185 -10.64 12.76 19.49
CA PRO D 185 -11.73 13.67 19.17
C PRO D 185 -12.64 13.86 20.38
N LYS D 186 -13.20 15.05 20.52
CA LYS D 186 -14.39 15.34 21.35
C LYS D 186 -15.55 15.50 20.36
N ALA D 187 -16.60 14.71 20.51
CA ALA D 187 -17.68 14.55 19.52
C ALA D 187 -19.03 14.88 20.16
N HIS D 188 -19.91 15.52 19.39
CA HIS D 188 -21.28 15.91 19.85
C HIS D 188 -22.19 16.00 18.64
N VAL D 189 -23.51 15.94 18.87
CA VAL D 189 -24.54 16.05 17.79
C VAL D 189 -25.29 17.37 17.96
N THR D 190 -25.64 18.03 16.86
CA THR D 190 -26.56 19.20 16.87
C THR D 190 -27.79 18.85 16.03
N HIS D 191 -28.96 19.29 16.50
CA HIS D 191 -30.29 19.01 15.88
C HIS D 191 -30.81 20.35 15.36
N HIS D 192 -30.81 20.53 14.04
CA HIS D 192 -31.32 21.74 13.34
C HIS D 192 -32.54 21.30 12.52
N SER D 193 -33.70 21.91 12.72
CA SER D 193 -34.96 21.62 11.97
C SER D 193 -34.81 22.13 10.53
N ARG D 194 -35.48 21.44 9.59
CA ARG D 194 -35.31 21.60 8.12
C ARG D 194 -36.70 21.54 7.49
N PRO D 195 -36.98 22.32 6.42
CA PRO D 195 -38.28 22.32 5.74
C PRO D 195 -38.96 20.94 5.54
N GLU D 196 -40.29 20.94 5.65
CA GLU D 196 -41.19 19.76 5.51
C GLU D 196 -40.87 18.77 6.63
N ASP D 197 -40.81 19.27 7.88
CA ASP D 197 -40.63 18.46 9.12
C ASP D 197 -39.58 17.37 8.88
N LYS D 198 -38.33 17.80 8.72
CA LYS D 198 -37.12 16.96 8.77
C LYS D 198 -36.13 17.63 9.71
N VAL D 199 -35.13 16.89 10.19
CA VAL D 199 -34.04 17.45 11.03
C VAL D 199 -32.69 16.97 10.48
N THR D 200 -31.78 17.93 10.30
CA THR D 200 -30.32 17.69 10.05
C THR D 200 -29.72 17.23 11.37
N LEU D 201 -29.20 16.00 11.41
CA LEU D 201 -28.34 15.52 12.52
C LEU D 201 -26.89 15.69 12.08
N ARG D 202 -26.12 16.48 12.84
CA ARG D 202 -24.72 16.80 12.49
C ARG D 202 -23.83 16.22 13.58
N CYS D 203 -22.98 15.27 13.21
CA CYS D 203 -21.98 14.67 14.12
C CYS D 203 -20.68 15.44 13.95
N TRP D 204 -20.26 16.12 15.02
CA TRP D 204 -19.02 16.93 15.10
C TRP D 204 -17.90 16.10 15.69
N ALA D 205 -16.68 16.23 15.14
CA ALA D 205 -15.43 15.77 15.77
C ALA D 205 -14.52 17.01 15.86
N LEU D 206 -14.01 17.30 17.05
CA LEU D 206 -13.19 18.51 17.30
C LEU D 206 -11.92 18.12 18.04
N GLY D 207 -10.85 18.88 17.81
CA GLY D 207 -9.67 18.90 18.66
C GLY D 207 -8.86 17.64 18.53
N PHE D 208 -8.94 16.94 17.38
CA PHE D 208 -8.23 15.65 17.15
C PHE D 208 -6.92 15.84 16.36
N TYR D 209 -5.99 14.91 16.62
CA TYR D 209 -4.70 14.73 15.92
C TYR D 209 -4.29 13.26 16.05
N PRO D 210 -3.78 12.60 14.99
CA PRO D 210 -3.67 13.19 13.65
C PRO D 210 -5.00 13.44 12.91
N ALA D 211 -4.91 13.94 11.67
CA ALA D 211 -6.05 14.34 10.81
C ALA D 211 -6.91 13.14 10.41
N ASP D 212 -6.34 11.95 10.29
CA ASP D 212 -7.08 10.75 9.80
C ASP D 212 -8.30 10.47 10.69
N ILE D 213 -9.50 10.42 10.12
CA ILE D 213 -10.71 10.14 10.92
C ILE D 213 -11.81 9.63 10.01
N THR D 214 -12.72 8.82 10.57
CA THR D 214 -13.94 8.32 9.90
C THR D 214 -15.17 8.61 10.76
N LEU D 215 -16.18 9.25 10.17
CA LEU D 215 -17.51 9.47 10.78
C LEU D 215 -18.52 8.62 9.99
N THR D 216 -19.41 7.90 10.69
CA THR D 216 -20.48 7.05 10.09
C THR D 216 -21.82 7.36 10.76
N TRP D 217 -22.88 7.47 9.96
CA TRP D 217 -24.28 7.54 10.45
C TRP D 217 -24.94 6.22 10.09
N GLN D 218 -25.78 5.67 10.97
CA GLN D 218 -26.48 4.39 10.69
C GLN D 218 -27.79 4.28 11.46
N LEU D 219 -28.61 3.36 11.00
CA LEU D 219 -29.94 3.01 11.54
C LEU D 219 -29.96 1.49 11.80
N ASN D 220 -29.71 1.07 13.04
CA ASN D 220 -29.64 -0.37 13.45
C ASN D 220 -28.68 -1.12 12.49
N GLY D 221 -27.37 -0.98 12.68
CA GLY D 221 -26.34 -1.68 11.89
C GLY D 221 -26.03 -1.06 10.52
N GLU D 222 -27.04 -0.63 9.77
CA GLU D 222 -26.99 -0.33 8.30
C GLU D 222 -26.41 1.07 8.05
N GLU D 223 -25.32 1.19 7.27
CA GLU D 223 -24.51 2.44 7.12
C GLU D 223 -25.02 3.32 5.96
N LEU D 224 -25.40 4.55 6.27
CA LEU D 224 -26.08 5.48 5.31
C LEU D 224 -25.03 6.06 4.35
N ILE D 225 -24.86 5.41 3.20
CA ILE D 225 -23.95 5.86 2.10
C ILE D 225 -24.52 7.16 1.52
N GLN D 226 -25.64 7.05 0.79
CA GLN D 226 -26.23 8.11 -0.09
C GLN D 226 -26.31 9.43 0.70
N ASP D 227 -27.11 9.47 1.76
CA ASP D 227 -27.63 10.73 2.37
C ASP D 227 -26.50 11.56 2.99
N MET D 228 -25.31 11.00 3.24
CA MET D 228 -24.35 11.60 4.21
C MET D 228 -23.62 12.79 3.56
N GLU D 229 -23.77 14.00 4.11
CA GLU D 229 -22.96 15.19 3.71
C GLU D 229 -21.76 15.21 4.66
N LEU D 230 -20.56 15.30 4.09
CA LEU D 230 -19.29 15.12 4.81
C LEU D 230 -18.36 16.27 4.40
N VAL D 231 -18.03 17.20 5.31
CA VAL D 231 -17.03 18.27 5.00
C VAL D 231 -15.63 17.67 5.08
N GLU D 232 -14.70 18.34 4.42
CA GLU D 232 -13.24 18.03 4.43
C GLU D 232 -12.75 18.36 5.84
N THR D 233 -11.91 17.50 6.41
CA THR D 233 -11.11 17.83 7.59
C THR D 233 -10.50 19.21 7.41
N ARG D 234 -10.63 20.08 8.41
CA ARG D 234 -10.19 21.50 8.40
C ARG D 234 -9.32 21.73 9.63
N PRO D 235 -8.23 22.54 9.57
CA PRO D 235 -7.36 22.70 10.73
C PRO D 235 -7.97 23.76 11.65
N ALA D 236 -7.94 23.52 12.97
CA ALA D 236 -8.26 24.55 13.98
C ALA D 236 -7.19 25.63 13.94
N GLY D 237 -6.00 25.27 13.43
CA GLY D 237 -4.81 26.15 13.32
C GLY D 237 -4.00 26.19 14.61
N ASP D 238 -4.22 25.22 15.50
CA ASP D 238 -3.40 24.94 16.71
C ASP D 238 -2.81 23.52 16.60
N GLY D 239 -2.82 22.91 15.40
CA GLY D 239 -2.29 21.55 15.13
C GLY D 239 -3.35 20.46 15.29
N THR D 240 -4.56 20.78 15.76
CA THR D 240 -5.67 19.81 15.83
C THR D 240 -6.62 20.10 14.67
N PHE D 241 -7.54 19.15 14.43
CA PHE D 241 -8.44 19.19 13.25
C PHE D 241 -9.89 19.16 13.72
N GLN D 242 -10.78 19.49 12.79
CA GLN D 242 -12.24 19.45 12.96
C GLN D 242 -12.84 18.75 11.75
N LYS D 243 -13.95 18.04 11.93
CA LYS D 243 -14.75 17.47 10.82
C LYS D 243 -16.19 17.31 11.28
N TRP D 244 -17.17 17.36 10.37
CA TRP D 244 -18.55 16.92 10.67
C TRP D 244 -19.15 16.10 9.52
N ALA D 245 -20.04 15.18 9.88
CA ALA D 245 -20.90 14.35 8.99
C ALA D 245 -22.36 14.56 9.39
N SER D 246 -23.26 14.77 8.42
CA SER D 246 -24.69 15.06 8.65
C SER D 246 -25.59 14.12 7.84
N VAL D 247 -26.80 13.89 8.35
CA VAL D 247 -27.91 13.21 7.62
C VAL D 247 -29.21 13.98 7.85
N VAL D 248 -30.10 13.91 6.85
CA VAL D 248 -31.52 14.35 6.93
C VAL D 248 -32.33 13.14 7.41
N VAL D 249 -33.10 13.31 8.48
CA VAL D 249 -34.01 12.26 9.03
C VAL D 249 -35.40 12.85 9.23
N PRO D 250 -36.47 12.02 9.19
CA PRO D 250 -37.82 12.48 9.52
C PRO D 250 -37.93 12.84 11.02
N LEU D 251 -38.67 13.92 11.33
CA LEU D 251 -39.02 14.30 12.74
C LEU D 251 -39.63 13.10 13.46
N GLY D 252 -39.39 13.00 14.77
CA GLY D 252 -39.84 11.87 15.61
C GLY D 252 -38.92 10.66 15.51
N LYS D 253 -37.99 10.61 14.54
CA LYS D 253 -37.19 9.39 14.22
C LYS D 253 -35.69 9.59 14.52
N GLU D 254 -35.31 10.78 14.99
CA GLU D 254 -33.91 11.17 15.31
C GLU D 254 -33.23 10.13 16.18
N GLN D 255 -33.97 9.56 17.13
CA GLN D 255 -33.42 8.74 18.24
C GLN D 255 -32.93 7.39 17.71
N TYR D 256 -33.39 6.96 16.53
CA TYR D 256 -33.01 5.66 15.93
C TYR D 256 -31.63 5.74 15.26
N TYR D 257 -31.15 6.95 14.93
CA TYR D 257 -29.87 7.19 14.22
C TYR D 257 -28.70 7.32 15.22
N THR D 258 -27.58 6.68 14.87
CA THR D 258 -26.32 6.59 15.66
C THR D 258 -25.13 7.04 14.80
N CYS D 259 -24.21 7.82 15.38
CA CYS D 259 -22.94 8.26 14.76
C CYS D 259 -21.78 7.45 15.36
N HIS D 260 -20.82 7.02 14.55
CA HIS D 260 -19.56 6.40 15.05
C HIS D 260 -18.38 7.30 14.64
N VAL D 261 -17.35 7.33 15.48
CA VAL D 261 -16.15 8.17 15.27
C VAL D 261 -14.95 7.29 15.53
N TYR D 262 -14.23 6.93 14.49
CA TYR D 262 -13.01 6.09 14.59
C TYR D 262 -11.80 7.03 14.43
N HIS D 263 -10.81 6.84 15.29
CA HIS D 263 -9.55 7.62 15.32
C HIS D 263 -8.52 6.79 16.09
N GLN D 264 -7.22 7.06 15.91
CA GLN D 264 -6.12 6.22 16.46
C GLN D 264 -6.08 6.37 17.99
N GLY D 265 -6.57 7.50 18.54
CA GLY D 265 -6.67 7.77 19.98
C GLY D 265 -7.91 7.16 20.62
N LEU D 266 -8.50 6.12 20.04
CA LEU D 266 -9.71 5.43 20.55
C LEU D 266 -9.58 3.92 20.28
N PRO D 267 -9.57 3.07 21.34
CA PRO D 267 -9.50 1.62 21.17
C PRO D 267 -10.79 1.06 20.56
N GLU D 268 -11.91 1.73 20.84
CA GLU D 268 -13.28 1.45 20.32
C GLU D 268 -13.84 2.79 19.85
N PRO D 269 -14.72 2.85 18.83
CA PRO D 269 -15.24 4.13 18.35
C PRO D 269 -16.15 4.82 19.37
N LEU D 270 -16.28 6.15 19.28
CA LEU D 270 -17.33 6.89 20.02
C LEU D 270 -18.66 6.57 19.36
N THR D 271 -19.73 6.52 20.15
CA THR D 271 -21.13 6.36 19.70
C THR D 271 -21.92 7.54 20.27
N LEU D 272 -22.69 8.25 19.44
CA LEU D 272 -23.49 9.42 19.91
C LEU D 272 -24.85 9.40 19.21
N ARG D 273 -25.88 9.82 19.96
CA ARG D 273 -27.22 10.12 19.42
C ARG D 273 -27.51 11.60 19.69
N TRP D 274 -28.69 12.08 19.27
CA TRP D 274 -29.14 13.48 19.49
C TRP D 274 -29.53 13.71 20.96
N GLU D 275 -29.88 14.96 21.29
CA GLU D 275 -30.28 15.43 22.66
C GLU D 275 -31.24 16.62 22.55
N ILE E 1 -8.46 24.60 -16.86
CA ILE E 1 -8.25 23.88 -15.56
C ILE E 1 -8.66 24.80 -14.39
N GLN E 2 -9.90 25.29 -14.40
CA GLN E 2 -10.45 26.16 -13.32
C GLN E 2 -11.29 25.31 -12.36
N LYS E 3 -11.16 25.54 -11.04
CA LYS E 3 -11.74 24.73 -9.93
C LYS E 3 -12.43 25.65 -8.90
N THR E 4 -13.67 25.33 -8.52
CA THR E 4 -14.58 26.13 -7.64
C THR E 4 -14.18 26.01 -6.17
N PRO E 5 -13.56 27.04 -5.55
CA PRO E 5 -13.07 26.91 -4.17
C PRO E 5 -14.18 26.67 -3.14
N GLN E 6 -14.02 25.64 -2.31
CA GLN E 6 -14.86 25.33 -1.11
C GLN E 6 -14.40 26.21 0.06
N ILE E 7 -15.35 26.83 0.74
CA ILE E 7 -15.16 27.87 1.79
C ILE E 7 -15.81 27.39 3.09
N GLN E 8 -15.03 27.29 4.17
CA GLN E 8 -15.53 27.06 5.54
C GLN E 8 -15.08 28.20 6.45
N VAL E 9 -16.03 28.73 7.22
CA VAL E 9 -15.84 29.81 8.21
C VAL E 9 -16.21 29.26 9.60
N TYR E 10 -15.25 29.21 10.52
CA TYR E 10 -15.41 28.50 11.82
C TYR E 10 -14.41 29.05 12.83
N SER E 11 -14.63 28.71 14.10
CA SER E 11 -13.82 29.22 15.23
C SER E 11 -12.84 28.12 15.68
N ARG E 12 -11.60 28.48 16.03
CA ARG E 12 -10.60 27.53 16.59
C ARG E 12 -11.25 26.72 17.74
N HIS E 13 -11.64 27.41 18.81
CA HIS E 13 -12.25 26.82 20.03
C HIS E 13 -13.76 26.99 19.96
N PRO E 14 -14.55 26.18 20.72
CA PRO E 14 -15.99 26.37 20.82
C PRO E 14 -16.33 27.77 21.34
N PRO E 15 -17.28 28.49 20.68
CA PRO E 15 -17.47 29.92 20.93
C PRO E 15 -18.27 30.26 22.21
N GLU E 16 -17.73 31.19 23.00
CA GLU E 16 -18.34 31.77 24.23
C GLU E 16 -18.28 33.29 24.15
N ASN E 17 -19.43 33.96 24.21
CA ASN E 17 -19.54 35.44 24.16
C ASN E 17 -18.61 36.06 25.22
N GLY E 18 -17.83 37.07 24.85
CA GLY E 18 -16.90 37.75 25.77
C GLY E 18 -15.53 37.11 25.83
N LYS E 19 -15.41 35.84 25.41
CA LYS E 19 -14.17 35.01 25.51
C LYS E 19 -13.34 35.12 24.23
N PRO E 20 -12.10 35.68 24.28
CA PRO E 20 -11.26 35.78 23.09
C PRO E 20 -11.14 34.43 22.37
N ASN E 21 -10.88 34.45 21.06
CA ASN E 21 -10.97 33.24 20.19
C ASN E 21 -10.36 33.58 18.81
N ILE E 22 -10.22 32.58 17.93
CA ILE E 22 -9.70 32.74 16.54
C ILE E 22 -10.77 32.33 15.52
N LEU E 23 -11.06 33.21 14.56
CA LEU E 23 -11.99 32.92 13.44
C LEU E 23 -11.18 32.45 12.23
N ASN E 24 -11.52 31.28 11.68
CA ASN E 24 -10.80 30.70 10.53
C ASN E 24 -11.68 30.79 9.28
N CYS E 25 -11.04 31.13 8.15
CA CYS E 25 -11.57 30.96 6.78
C CYS E 25 -10.67 29.98 6.02
N TYR E 26 -11.15 28.77 5.80
CA TYR E 26 -10.47 27.66 5.08
C TYR E 26 -11.09 27.56 3.67
N VAL E 27 -10.29 27.97 2.69
CA VAL E 27 -10.62 27.92 1.24
C VAL E 27 -9.74 26.84 0.58
N THR E 28 -10.38 25.86 -0.05
CA THR E 28 -9.75 24.64 -0.60
C THR E 28 -10.15 24.43 -2.07
N GLN E 29 -9.54 23.47 -2.75
CA GLN E 29 -10.04 22.91 -4.03
C GLN E 29 -10.00 23.96 -5.13
N PHE E 30 -9.08 24.93 -5.08
CA PHE E 30 -8.98 25.97 -6.13
C PHE E 30 -7.65 25.84 -6.89
N HIS E 31 -7.70 26.26 -8.15
CA HIS E 31 -6.60 26.39 -9.14
C HIS E 31 -7.11 27.36 -10.20
N PRO E 32 -6.35 28.39 -10.65
CA PRO E 32 -4.95 28.61 -10.28
C PRO E 32 -4.84 29.20 -8.88
N PRO E 33 -3.61 29.32 -8.33
CA PRO E 33 -3.42 29.77 -6.96
C PRO E 33 -3.87 31.20 -6.67
N HIS E 34 -4.00 32.06 -7.69
CA HIS E 34 -4.38 33.47 -7.43
C HIS E 34 -5.77 33.49 -6.80
N ILE E 35 -5.92 34.11 -5.63
CA ILE E 35 -7.23 34.21 -4.92
C ILE E 35 -7.19 35.42 -4.00
N GLU E 36 -8.32 36.10 -3.85
CA GLU E 36 -8.46 37.23 -2.89
C GLU E 36 -9.45 36.80 -1.79
N ILE E 37 -9.07 37.06 -0.55
CA ILE E 37 -9.84 36.67 0.67
C ILE E 37 -9.92 37.88 1.58
N GLN E 38 -11.13 38.37 1.86
CA GLN E 38 -11.41 39.33 2.96
C GLN E 38 -12.22 38.63 4.05
N MET E 39 -11.94 38.96 5.31
CA MET E 39 -12.79 38.59 6.47
C MET E 39 -13.49 39.85 6.96
N LEU E 40 -14.75 39.71 7.36
CA LEU E 40 -15.67 40.85 7.55
C LEU E 40 -16.35 40.70 8.90
N LYS E 41 -16.48 41.83 9.61
CA LYS E 41 -17.19 42.00 10.90
C LYS E 41 -18.30 43.00 10.63
N ASN E 42 -19.56 42.59 10.68
CA ASN E 42 -20.70 43.51 10.45
C ASN E 42 -20.54 44.13 9.06
N GLY E 43 -20.02 43.35 8.09
CA GLY E 43 -19.80 43.77 6.70
C GLY E 43 -18.71 44.82 6.53
N LYS E 44 -17.68 44.80 7.39
CA LYS E 44 -16.52 45.73 7.33
C LYS E 44 -15.21 44.92 7.29
N LYS E 45 -14.36 45.18 6.29
CA LYS E 45 -13.00 44.58 6.18
C LYS E 45 -12.32 44.64 7.54
N ILE E 46 -11.90 43.48 8.04
CA ILE E 46 -11.05 43.35 9.24
C ILE E 46 -9.60 43.54 8.79
N PRO E 47 -8.79 44.38 9.47
CA PRO E 47 -7.41 44.65 9.04
C PRO E 47 -6.41 43.56 9.48
N LYS E 48 -5.29 43.45 8.74
CA LYS E 48 -4.09 42.64 9.06
C LYS E 48 -4.46 41.14 9.20
N VAL E 49 -5.16 40.59 8.21
CA VAL E 49 -5.49 39.14 8.14
C VAL E 49 -4.42 38.45 7.28
N GLU E 50 -3.85 37.34 7.77
CA GLU E 50 -2.74 36.62 7.08
C GLU E 50 -3.30 35.79 5.90
N MET E 51 -3.01 36.24 4.67
CA MET E 51 -3.39 35.57 3.40
C MET E 51 -2.15 34.85 2.82
N SER E 52 -1.25 34.35 3.69
CA SER E 52 0.09 33.81 3.32
C SER E 52 0.14 32.28 3.45
N ASP E 53 -0.43 31.69 4.50
CA ASP E 53 -0.37 30.22 4.80
C ASP E 53 -1.09 29.41 3.70
N MET E 54 -0.42 29.28 2.55
CA MET E 54 -0.95 28.61 1.33
C MET E 54 -0.09 27.37 1.04
N SER E 55 -0.73 26.28 0.65
CA SER E 55 -0.08 25.05 0.14
C SER E 55 -1.07 24.36 -0.80
N PHE E 56 -0.76 23.12 -1.21
CA PHE E 56 -1.62 22.32 -2.10
C PHE E 56 -1.52 20.86 -1.69
N SER E 57 -2.44 20.01 -2.19
CA SER E 57 -2.60 18.61 -1.74
C SER E 57 -2.18 17.67 -2.87
N LYS E 58 -2.23 16.36 -2.60
CA LYS E 58 -1.85 15.28 -3.56
C LYS E 58 -2.51 15.52 -4.92
N ASP E 59 -3.66 16.19 -4.98
CA ASP E 59 -4.50 16.35 -6.21
C ASP E 59 -4.14 17.65 -6.93
N TRP E 60 -3.24 18.46 -6.35
CA TRP E 60 -2.61 19.65 -6.98
C TRP E 60 -3.46 20.89 -6.73
N SER E 61 -4.62 20.74 -6.09
CA SER E 61 -5.52 21.86 -5.74
C SER E 61 -4.92 22.64 -4.57
N PHE E 62 -5.00 23.97 -4.61
CA PHE E 62 -4.46 24.84 -3.56
C PHE E 62 -5.49 24.93 -2.44
N TYR E 63 -5.01 25.31 -1.26
CA TYR E 63 -5.80 25.58 -0.04
C TYR E 63 -5.04 26.61 0.77
N ILE E 64 -5.78 27.54 1.36
CA ILE E 64 -5.27 28.58 2.27
C ILE E 64 -6.16 28.67 3.52
N LEU E 65 -5.49 28.77 4.68
CA LEU E 65 -6.08 29.16 5.97
C LEU E 65 -5.69 30.59 6.32
N ALA E 66 -6.66 31.50 6.30
CA ALA E 66 -6.65 32.83 6.93
C ALA E 66 -7.32 32.73 8.32
N HIS E 67 -6.97 33.64 9.22
CA HIS E 67 -7.38 33.62 10.65
C HIS E 67 -7.24 35.03 11.18
N THR E 68 -8.04 35.39 12.16
CA THR E 68 -7.96 36.69 12.86
C THR E 68 -8.43 36.45 14.29
N GLU E 69 -7.96 37.29 15.21
CA GLU E 69 -8.36 37.27 16.64
C GLU E 69 -9.71 37.99 16.72
N PHE E 70 -10.61 37.50 17.58
CA PHE E 70 -11.98 38.02 17.72
C PHE E 70 -12.56 37.58 19.06
N THR E 71 -13.37 38.45 19.68
CA THR E 71 -14.19 38.11 20.87
C THR E 71 -15.65 38.06 20.42
N PRO E 72 -16.27 36.86 20.29
CA PRO E 72 -17.65 36.80 19.83
C PRO E 72 -18.62 37.49 20.81
N THR E 73 -19.66 38.11 20.25
CA THR E 73 -20.80 38.71 20.98
C THR E 73 -22.10 38.16 20.40
N GLU E 74 -23.23 38.52 20.99
CA GLU E 74 -24.54 37.90 20.66
C GLU E 74 -25.02 38.52 19.33
N THR E 75 -24.65 39.76 19.01
CA THR E 75 -25.19 40.48 17.83
C THR E 75 -24.20 40.51 16.65
N ASP E 76 -22.89 40.38 16.87
CA ASP E 76 -21.86 40.63 15.82
C ASP E 76 -21.92 39.53 14.75
N THR E 77 -21.83 39.93 13.48
CA THR E 77 -21.80 38.94 12.36
C THR E 77 -20.39 38.86 11.83
N TYR E 78 -20.00 37.68 11.37
CA TYR E 78 -18.67 37.40 10.77
C TYR E 78 -18.91 36.68 9.44
N ALA E 79 -18.06 36.93 8.46
CA ALA E 79 -18.14 36.24 7.15
C ALA E 79 -16.78 36.29 6.47
N CYS E 80 -16.65 35.48 5.43
CA CYS E 80 -15.43 35.40 4.59
C CYS E 80 -15.86 35.63 3.14
N ARG E 81 -15.35 36.68 2.50
CA ARG E 81 -15.61 37.01 1.09
C ARG E 81 -14.43 36.50 0.26
N VAL E 82 -14.70 35.62 -0.73
CA VAL E 82 -13.68 35.00 -1.61
C VAL E 82 -13.89 35.41 -3.08
N LYS E 83 -12.83 35.90 -3.74
CA LYS E 83 -12.77 36.21 -5.20
C LYS E 83 -11.78 35.28 -5.90
N HIS E 84 -12.25 34.44 -6.82
CA HIS E 84 -11.43 33.57 -7.69
C HIS E 84 -11.84 33.79 -9.15
N ALA E 85 -10.91 33.55 -10.08
CA ALA E 85 -11.12 33.65 -11.55
C ALA E 85 -12.30 32.78 -11.93
N SER E 86 -12.41 31.58 -11.32
CA SER E 86 -13.44 30.56 -11.65
C SER E 86 -14.87 31.03 -11.29
N MET E 87 -15.02 32.23 -10.74
CA MET E 87 -16.31 32.74 -10.17
C MET E 87 -16.62 34.09 -10.80
N ALA E 88 -17.80 34.20 -11.41
CA ALA E 88 -18.35 35.47 -11.95
C ALA E 88 -18.44 36.53 -10.83
N GLU E 89 -18.88 36.13 -9.64
CA GLU E 89 -19.11 37.06 -8.50
C GLU E 89 -18.40 36.52 -7.26
N PRO E 90 -17.87 37.42 -6.40
CA PRO E 90 -17.47 37.04 -5.03
C PRO E 90 -18.54 36.23 -4.33
N LYS E 91 -18.10 35.26 -3.52
CA LYS E 91 -18.94 34.36 -2.68
C LYS E 91 -18.67 34.76 -1.22
N THR E 92 -19.72 35.12 -0.48
CA THR E 92 -19.68 35.50 0.95
C THR E 92 -20.25 34.34 1.75
N VAL E 93 -19.44 33.68 2.57
CA VAL E 93 -19.92 32.66 3.54
C VAL E 93 -19.85 33.27 4.94
N TYR E 94 -20.97 33.19 5.66
CA TYR E 94 -21.18 33.71 7.02
C TYR E 94 -20.75 32.66 8.02
N TRP E 95 -20.16 33.13 9.13
CA TRP E 95 -19.92 32.31 10.34
C TRP E 95 -21.28 31.87 10.88
N ASP E 96 -21.50 30.55 10.99
CA ASP E 96 -22.72 29.98 11.59
C ASP E 96 -22.30 29.16 12.80
N ARG E 97 -22.58 29.68 13.98
CA ARG E 97 -22.09 29.13 15.27
C ARG E 97 -23.02 27.98 15.71
N ASP E 98 -24.29 27.92 15.25
CA ASP E 98 -25.27 26.88 15.69
C ASP E 98 -25.15 25.64 14.81
N MET E 99 -24.38 25.72 13.72
CA MET E 99 -24.23 24.57 12.78
C MET E 99 -23.81 23.36 13.61
N SER F 1 15.25 18.25 4.65
CA SER F 1 16.13 19.07 3.79
C SER F 1 15.68 18.88 2.33
N VAL F 2 15.22 19.94 1.66
CA VAL F 2 14.73 19.88 0.25
C VAL F 2 15.83 19.37 -0.69
N PHE F 3 15.48 18.50 -1.64
CA PHE F 3 16.43 18.02 -2.67
C PHE F 3 17.26 19.21 -3.17
N ALA F 4 18.58 19.01 -3.32
N ALA F 4 18.58 19.01 -3.13
CA ALA F 4 19.58 20.07 -3.61
CA ALA F 4 19.62 20.06 -3.27
C ALA F 4 19.76 20.23 -5.13
C ALA F 4 19.20 21.02 -4.38
N ILE F 5 19.25 21.34 -5.67
N ILE F 5 19.49 20.67 -5.64
CA ILE F 5 19.21 21.74 -7.11
CA ILE F 5 19.15 21.49 -6.85
C ILE F 5 18.32 20.79 -7.92
C ILE F 5 18.27 20.68 -7.82
N PHE F 6 17.05 21.14 -8.06
CA PHE F 6 16.05 20.41 -8.91
C PHE F 6 16.47 20.39 -10.38
N ALA F 7 16.30 19.24 -11.02
CA ALA F 7 16.65 19.04 -12.44
C ALA F 7 15.91 20.08 -13.28
N ALA F 8 16.61 20.62 -14.27
CA ALA F 8 16.07 21.45 -15.36
C ALA F 8 15.05 20.61 -16.18
N LEU F 9 13.83 21.09 -16.35
CA LEU F 9 12.88 20.52 -17.34
C LEU F 9 13.40 20.85 -18.74
NI NI G . 32.12 -33.31 -10.11
NI NI H . 0.78 -29.89 -18.48
NI NI I . -0.52 -7.94 -19.17
NI NI J . -22.33 0.40 16.13
NI NI K . 19.32 12.67 -27.33
NI NI L . -31.06 19.44 22.01
NI NI M . -2.33 34.31 14.72
NI NI N . -5.58 39.80 -6.58
#